data_6XXM
#
_entry.id   6XXM
#
_cell.length_a   104.734
_cell.length_b   104.734
_cell.length_c   160.672
_cell.angle_alpha   90.000
_cell.angle_beta   90.000
_cell.angle_gamma   120.000
#
_symmetry.space_group_name_H-M   'P 32 2 1'
#
loop_
_entity.id
_entity.type
_entity.pdbx_description
1 polymer 'Deoxyhypusine synthase'
2 polymer 'Deoxyhypusine synthase'
3 non-polymer 1,4-DIAMINOBUTANE
4 non-polymer (4S)-2-METHYL-2,4-PENTANEDIOL
5 water water
#
loop_
_entity_poly.entity_id
_entity_poly.type
_entity_poly.pdbx_seq_one_letter_code
_entity_poly.pdbx_strand_id
1 'polypeptide(L)'
;MEGSLEREAPAGALAAVLKHSSTLPPESTQVRGYDFNRGVNYRALLEAFGTTGFQATNFGRAVQQVNAMIEKKLEPLSQD
EDQHADLTQSRRPLTSCTIFLGYTSNLISSGIRETIRYLVQHNMVDVLVTTAGGVEEDLIKCLAPTYLGEFSLRGKELRE
NGINRIGNLLVPNENY(CSS)KFEDWLMPILDQMVMEQNTEGVKWTPSKMIARLGKEINNPESVYYWAQKNHIPVFSPAL
TDGSLGDMIFFHSYKNPGLVLDIVEDLRLINTQAIFAKCTGMIILGGGVVKHHIANANLMRNGADYAVYINTAQEFDGSD
SGARPDEAVSWGKIRVDAQPVKVYADASLVFPLLVAETFAQKMDAFMHEKNED
;
A
2 'polypeptide(L)'
;MEGSLEREAPAGALAAVLKHSSTLPPESTQVRGYDFNRGVNYRALLEAFGTTGFQATNFGRAVQQVNAMIEKKLEPLSQD
EDQHADLTQSRRPLTSCTIFLGYTSNLISSGIRETIRYLVQHNMVDVLVTTAGGVEEDLIKCLAPTYLGEFSLRGKELRE
NGINRIGNLLVPNENY(CSS)KFEDWLMPILDQMVMEQNTEGVKWTPSKMIARLGKEINNPESVYYWAQKNHIPVFSPAL
TDGSLGDMIFFHSYKNPGLVLDIVEDLRLINTQAIFAK(CSS)TGMIILGGGVVKHHIANANLMRNGADYAVYINTAQEF
DGSDSGARPDEAVSWGKIRVDAQPVKVYADASLVFPLLVAETFAQKMDAFMHEKNED
;
B
#
loop_
_chem_comp.id
_chem_comp.type
_chem_comp.name
_chem_comp.formula
MPD non-polymer (4S)-2-METHYL-2,4-PENTANEDIOL 'C6 H14 O2'
PUT non-polymer 1,4-DIAMINOBUTANE 'C4 H12 N2'
#
# COMPACT_ATOMS: atom_id res chain seq x y z
N GLU A 8 -19.14 -35.96 46.12
CA GLU A 8 -17.70 -36.20 46.19
C GLU A 8 -16.95 -35.39 45.13
N ALA A 9 -17.67 -34.55 44.38
CA ALA A 9 -17.03 -33.77 43.32
C ALA A 9 -16.01 -32.82 43.95
N PRO A 10 -14.78 -32.77 43.44
CA PRO A 10 -13.75 -31.91 44.05
C PRO A 10 -14.22 -30.48 44.23
N ALA A 11 -14.01 -29.94 45.44
CA ALA A 11 -14.54 -28.64 45.79
C ALA A 11 -13.92 -27.51 44.98
N GLY A 12 -12.60 -27.53 44.80
CA GLY A 12 -11.94 -26.49 44.03
C GLY A 12 -12.43 -26.45 42.59
N ALA A 13 -12.69 -27.62 42.00
CA ALA A 13 -13.24 -27.68 40.66
C ALA A 13 -14.62 -27.01 40.62
N LEU A 14 -15.50 -27.40 41.54
CA LEU A 14 -16.82 -26.79 41.61
C LEU A 14 -16.71 -25.27 41.76
N ALA A 15 -15.78 -24.80 42.59
CA ALA A 15 -15.64 -23.36 42.82
C ALA A 15 -15.18 -22.64 41.55
N ALA A 16 -14.32 -23.29 40.75
CA ALA A 16 -13.78 -22.64 39.55
C ALA A 16 -14.79 -22.59 38.42
N VAL A 17 -15.52 -23.69 38.19
CA VAL A 17 -16.46 -23.76 37.08
C VAL A 17 -17.75 -23.02 37.40
N LEU A 18 -18.18 -23.00 38.65
CA LEU A 18 -19.47 -22.43 39.00
C LEU A 18 -19.31 -21.19 39.87
N LYS A 19 -18.35 -20.35 39.47
CA LYS A 19 -18.09 -19.09 40.13
C LYS A 19 -19.26 -18.14 39.94
N HIS A 20 -19.48 -17.29 40.94
CA HIS A 20 -20.60 -16.36 40.88
C HIS A 20 -20.25 -15.17 39.96
N SER A 21 -21.31 -14.49 39.51
CA SER A 21 -21.18 -13.42 38.53
C SER A 21 -21.65 -12.09 39.10
N SER A 22 -21.23 -11.03 38.43
CA SER A 22 -21.81 -9.72 38.65
C SER A 22 -22.93 -9.48 37.64
N THR A 23 -23.90 -8.68 38.04
CA THR A 23 -24.93 -8.22 37.13
C THR A 23 -24.35 -7.23 36.14
N LEU A 24 -24.69 -7.38 34.88
CA LEU A 24 -24.20 -6.48 33.85
C LEU A 24 -24.99 -5.17 33.87
N PRO A 25 -24.41 -4.09 33.36
CA PRO A 25 -25.13 -2.81 33.29
C PRO A 25 -26.54 -2.98 32.73
N PRO A 26 -27.51 -2.21 33.24
CA PRO A 26 -28.86 -2.26 32.65
C PRO A 26 -28.87 -1.84 31.18
N GLU A 27 -27.83 -1.12 30.76
CA GLU A 27 -27.61 -0.73 29.36
C GLU A 27 -27.53 -1.93 28.42
N SER A 28 -27.21 -3.10 28.95
CA SER A 28 -26.64 -4.19 28.18
C SER A 28 -27.60 -4.71 27.12
N THR A 29 -27.10 -4.89 25.91
CA THR A 29 -27.91 -5.30 24.79
C THR A 29 -27.82 -6.81 24.60
N GLN A 30 -28.98 -7.46 24.50
CA GLN A 30 -29.02 -8.90 24.33
C GLN A 30 -28.78 -9.28 22.89
N VAL A 31 -28.17 -10.45 22.70
CA VAL A 31 -27.98 -11.05 21.39
C VAL A 31 -29.30 -11.63 20.90
N ARG A 32 -29.66 -11.33 19.66
N ARG A 32 -29.66 -11.32 19.66
CA ARG A 32 -30.86 -11.87 19.05
CA ARG A 32 -30.86 -11.85 19.04
C ARG A 32 -30.78 -11.68 17.54
C ARG A 32 -30.72 -11.69 17.53
N GLY A 33 -30.97 -12.76 16.80
CA GLY A 33 -30.91 -12.69 15.37
C GLY A 33 -32.27 -12.40 14.76
N TYR A 34 -32.23 -12.07 13.48
CA TYR A 34 -33.48 -11.89 12.74
C TYR A 34 -34.29 -13.17 12.70
N ASP A 35 -35.61 -13.03 12.91
CA ASP A 35 -36.56 -14.15 12.93
C ASP A 35 -37.28 -14.22 11.59
N PHE A 36 -36.91 -15.23 10.77
CA PHE A 36 -37.52 -15.38 9.46
C PHE A 36 -38.99 -15.84 9.54
N ASN A 37 -39.51 -16.15 10.72
CA ASN A 37 -40.96 -16.31 10.83
C ASN A 37 -41.69 -15.00 10.53
N ARG A 38 -40.99 -13.88 10.52
CA ARG A 38 -41.58 -12.60 10.12
C ARG A 38 -41.69 -12.47 8.62
N GLY A 39 -41.15 -13.41 7.86
CA GLY A 39 -40.96 -13.21 6.43
C GLY A 39 -39.64 -12.53 6.16
N VAL A 40 -39.51 -12.01 4.93
CA VAL A 40 -38.28 -11.38 4.49
C VAL A 40 -38.48 -9.87 4.29
N ASN A 41 -38.18 -9.08 5.32
CA ASN A 41 -38.06 -7.65 5.20
C ASN A 41 -36.56 -7.34 5.24
N TYR A 42 -35.99 -6.95 4.12
CA TYR A 42 -34.53 -6.82 4.06
C TYR A 42 -34.00 -5.70 4.94
N ARG A 43 -34.76 -4.63 5.13
CA ARG A 43 -34.31 -3.56 6.02
CA ARG A 43 -34.31 -3.56 6.02
C ARG A 43 -34.22 -4.08 7.45
N ALA A 44 -35.26 -4.80 7.90
CA ALA A 44 -35.24 -5.37 9.24
C ALA A 44 -34.13 -6.40 9.38
N LEU A 45 -33.86 -7.16 8.31
CA LEU A 45 -32.79 -8.14 8.34
CA LEU A 45 -32.79 -8.14 8.34
C LEU A 45 -31.44 -7.47 8.54
N LEU A 46 -31.19 -6.37 7.80
CA LEU A 46 -29.91 -5.68 7.94
C LEU A 46 -29.80 -5.03 9.30
N GLU A 47 -30.91 -4.48 9.78
CA GLU A 47 -30.89 -3.88 11.10
C GLU A 47 -30.57 -4.90 12.19
N ALA A 48 -31.01 -6.13 12.02
CA ALA A 48 -30.72 -7.16 13.01
C ALA A 48 -29.24 -7.52 13.09
N PHE A 49 -28.44 -7.14 12.08
CA PHE A 49 -27.02 -7.45 12.19
CA PHE A 49 -26.99 -7.35 12.15
C PHE A 49 -26.45 -6.88 13.48
N GLY A 50 -26.92 -5.70 13.92
CA GLY A 50 -26.38 -5.06 15.11
C GLY A 50 -26.40 -5.92 16.35
N THR A 51 -27.45 -6.73 16.51
CA THR A 51 -27.57 -7.58 17.69
C THR A 51 -27.23 -9.04 17.40
N THR A 52 -26.66 -9.33 16.23
CA THR A 52 -26.31 -10.72 15.89
C THR A 52 -24.95 -11.13 16.42
N GLY A 53 -24.01 -10.20 16.59
CA GLY A 53 -22.70 -10.48 17.14
C GLY A 53 -21.60 -10.56 16.09
N PHE A 54 -20.36 -10.68 16.59
CA PHE A 54 -19.16 -10.82 15.76
C PHE A 54 -19.14 -9.74 14.68
N GLN A 55 -18.78 -10.05 13.44
CA GLN A 55 -18.66 -8.94 12.48
C GLN A 55 -20.01 -8.36 12.07
N ALA A 56 -21.12 -9.09 12.26
CA ALA A 56 -22.42 -8.49 12.00
C ALA A 56 -22.65 -7.30 12.92
N THR A 57 -22.23 -7.42 14.17
CA THR A 57 -22.35 -6.30 15.10
C THR A 57 -21.43 -5.16 14.66
N ASN A 58 -20.23 -5.47 14.19
CA ASN A 58 -19.37 -4.41 13.71
C ASN A 58 -19.98 -3.72 12.51
N PHE A 59 -20.64 -4.46 11.62
CA PHE A 59 -21.38 -3.82 10.53
C PHE A 59 -22.41 -2.82 11.05
N GLY A 60 -23.19 -3.21 12.05
CA GLY A 60 -24.17 -2.29 12.62
C GLY A 60 -23.51 -1.06 13.18
N ARG A 61 -22.36 -1.24 13.83
CA ARG A 61 -21.63 -0.08 14.35
C ARG A 61 -21.12 0.78 13.21
N ALA A 62 -20.71 0.16 12.11
CA ALA A 62 -20.22 0.95 10.97
C ALA A 62 -21.33 1.78 10.36
N VAL A 63 -22.54 1.21 10.27
CA VAL A 63 -23.71 1.99 9.83
C VAL A 63 -23.90 3.20 10.71
N GLN A 64 -23.79 3.02 12.03
CA GLN A 64 -23.98 4.15 12.94
C GLN A 64 -22.88 5.20 12.77
N GLN A 65 -21.63 4.78 12.53
CA GLN A 65 -20.52 5.74 12.37
CA GLN A 65 -20.61 5.82 12.42
C GLN A 65 -20.68 6.55 11.08
N VAL A 66 -21.00 5.86 9.98
CA VAL A 66 -21.18 6.58 8.71
C VAL A 66 -22.41 7.48 8.77
N ASN A 67 -23.49 7.03 9.41
CA ASN A 67 -24.64 7.93 9.54
C ASN A 67 -24.33 9.14 10.42
N ALA A 68 -23.44 8.98 11.41
CA ALA A 68 -23.02 10.15 12.18
C ALA A 68 -22.21 11.11 11.33
N MET A 69 -21.34 10.59 10.45
CA MET A 69 -20.61 11.43 9.50
C MET A 69 -21.56 12.21 8.62
N ILE A 70 -22.58 11.54 8.09
CA ILE A 70 -23.51 12.18 7.17
C ILE A 70 -24.33 13.24 7.89
N GLU A 71 -24.82 12.90 9.08
CA GLU A 71 -25.62 13.85 9.84
C GLU A 71 -24.79 15.09 10.18
N LYS A 72 -23.53 14.90 10.51
CA LYS A 72 -22.66 16.05 10.78
C LYS A 72 -22.47 16.87 9.51
N LYS A 73 -22.21 16.20 8.39
CA LYS A 73 -21.98 16.88 7.13
C LYS A 73 -23.15 17.77 6.75
N LEU A 74 -24.37 17.35 7.08
CA LEU A 74 -25.58 18.09 6.71
C LEU A 74 -25.90 19.24 7.66
N GLU A 75 -25.17 19.40 8.76
CA GLU A 75 -25.38 20.56 9.62
C GLU A 75 -24.91 21.84 8.92
N PRO A 76 -25.67 22.93 8.97
CA PRO A 76 -25.23 24.16 8.30
C PRO A 76 -23.98 24.75 8.95
N LEU A 77 -23.26 25.56 8.18
CA LEU A 77 -22.09 26.24 8.73
C LEU A 77 -21.88 27.58 8.04
N SER A 78 -21.52 28.61 8.81
CA SER A 78 -21.03 29.87 8.28
C SER A 78 -19.50 29.85 8.25
N GLN A 79 -18.91 30.06 7.08
CA GLN A 79 -17.47 30.16 6.98
C GLN A 79 -17.11 31.01 5.78
N ASP A 80 -15.96 31.69 5.88
CA ASP A 80 -15.49 32.59 4.83
C ASP A 80 -15.02 31.79 3.63
N GLU A 81 -15.82 31.82 2.57
CA GLU A 81 -15.50 31.09 1.34
C GLU A 81 -14.10 31.41 0.84
N ASP A 82 -13.72 32.69 0.87
CA ASP A 82 -12.51 33.15 0.21
C ASP A 82 -11.25 32.67 0.91
N GLN A 83 -11.23 32.79 2.25
CA GLN A 83 -10.07 32.37 3.01
C GLN A 83 -9.90 30.86 2.94
N HIS A 84 -10.99 30.12 3.12
CA HIS A 84 -10.90 28.67 2.99
C HIS A 84 -10.28 28.30 1.64
N ALA A 85 -10.77 28.91 0.57
CA ALA A 85 -10.27 28.57 -0.76
C ALA A 85 -8.80 28.93 -0.89
N ASP A 86 -8.39 30.05 -0.30
N ASP A 86 -8.39 30.06 -0.31
CA ASP A 86 -6.99 30.45 -0.40
CA ASP A 86 -7.00 30.48 -0.38
C ASP A 86 -6.09 29.51 0.40
C ASP A 86 -6.09 29.54 0.40
N LEU A 87 -6.56 29.07 1.57
CA LEU A 87 -5.73 28.22 2.41
C LEU A 87 -5.64 26.80 1.87
N THR A 88 -6.67 26.31 1.18
CA THR A 88 -6.67 24.96 0.62
C THR A 88 -6.32 24.93 -0.86
N GLN A 89 -6.31 26.09 -1.52
CA GLN A 89 -6.12 26.16 -2.97
C GLN A 89 -7.11 25.26 -3.69
N SER A 90 -8.30 25.12 -3.09
CA SER A 90 -9.37 24.29 -3.61
C SER A 90 -10.60 25.15 -3.87
N ARG A 91 -11.32 24.85 -4.96
CA ARG A 91 -12.62 25.46 -5.20
C ARG A 91 -13.75 24.78 -4.43
N ARG A 92 -13.51 23.62 -3.82
CA ARG A 92 -14.62 22.90 -3.21
C ARG A 92 -15.08 23.61 -1.95
N PRO A 93 -16.37 23.93 -1.82
CA PRO A 93 -16.86 24.56 -0.59
C PRO A 93 -16.74 23.64 0.61
N LEU A 94 -16.46 24.24 1.75
CA LEU A 94 -16.37 23.50 3.00
C LEU A 94 -17.78 23.11 3.47
N THR A 95 -17.91 21.91 4.04
CA THR A 95 -19.10 21.44 4.73
C THR A 95 -18.76 21.16 6.19
N SER A 96 -19.76 20.80 6.98
CA SER A 96 -19.50 20.53 8.38
C SER A 96 -18.77 19.20 8.64
N CYS A 97 -18.65 18.32 7.64
CA CYS A 97 -17.83 17.12 7.82
C CYS A 97 -17.20 16.76 6.48
N THR A 98 -15.87 16.79 6.43
CA THR A 98 -15.12 16.40 5.25
C THR A 98 -14.87 14.91 5.29
N ILE A 99 -15.43 14.18 4.33
CA ILE A 99 -15.33 12.71 4.32
C ILE A 99 -14.28 12.31 3.29
N PHE A 100 -13.28 11.54 3.76
CA PHE A 100 -12.25 10.94 2.94
C PHE A 100 -12.63 9.49 2.64
N LEU A 101 -12.67 9.12 1.37
CA LEU A 101 -13.00 7.76 0.95
C LEU A 101 -11.78 7.17 0.27
N GLY A 102 -11.25 6.07 0.80
CA GLY A 102 -10.09 5.40 0.22
C GLY A 102 -10.45 3.97 -0.16
N TYR A 103 -9.86 3.48 -1.26
CA TYR A 103 -10.15 2.14 -1.73
C TYR A 103 -9.00 1.65 -2.59
N THR A 104 -8.76 0.34 -2.50
CA THR A 104 -7.70 -0.29 -3.26
C THR A 104 -8.16 -0.63 -4.67
N SER A 105 -7.17 -0.95 -5.51
CA SER A 105 -7.41 -1.13 -6.93
CA SER A 105 -7.40 -1.14 -6.94
C SER A 105 -8.40 -2.26 -7.24
N ASN A 106 -8.29 -3.39 -6.55
CA ASN A 106 -9.19 -4.50 -6.80
C ASN A 106 -10.66 -4.09 -6.72
N LEU A 107 -11.00 -3.16 -5.84
CA LEU A 107 -12.39 -2.82 -5.70
C LEU A 107 -12.93 -2.07 -6.92
N ILE A 108 -12.07 -1.41 -7.68
CA ILE A 108 -12.51 -0.75 -8.91
C ILE A 108 -12.66 -1.77 -10.05
N SER A 109 -11.87 -2.88 -10.01
CA SER A 109 -12.11 -3.99 -10.95
C SER A 109 -13.43 -4.70 -10.64
N SER A 110 -13.80 -4.75 -9.36
CA SER A 110 -15.07 -5.33 -8.94
C SER A 110 -16.23 -4.38 -9.27
N GLY A 111 -17.44 -4.87 -8.96
CA GLY A 111 -18.63 -4.06 -9.11
C GLY A 111 -18.77 -2.96 -8.09
N ILE A 112 -17.91 -2.93 -7.08
CA ILE A 112 -17.90 -1.82 -6.14
C ILE A 112 -17.57 -0.52 -6.85
N ARG A 113 -16.97 -0.60 -8.06
CA ARG A 113 -16.81 0.57 -8.90
C ARG A 113 -18.14 1.34 -9.03
N GLU A 114 -19.25 0.62 -9.22
CA GLU A 114 -20.54 1.30 -9.34
C GLU A 114 -20.96 1.96 -8.03
N THR A 115 -20.66 1.31 -6.90
CA THR A 115 -21.02 1.85 -5.60
C THR A 115 -20.31 3.16 -5.34
N ILE A 116 -19.01 3.17 -5.62
CA ILE A 116 -18.19 4.35 -5.40
C ILE A 116 -18.62 5.43 -6.38
N ARG A 117 -18.90 5.06 -7.63
CA ARG A 117 -19.30 6.06 -8.62
C ARG A 117 -20.56 6.77 -8.17
N TYR A 118 -21.51 6.04 -7.58
CA TYR A 118 -22.73 6.65 -7.08
C TYR A 118 -22.43 7.70 -6.01
N LEU A 119 -21.56 7.37 -5.07
CA LEU A 119 -21.27 8.33 -3.99
C LEU A 119 -20.65 9.60 -4.54
N VAL A 120 -19.72 9.46 -5.51
CA VAL A 120 -19.04 10.62 -6.07
C VAL A 120 -19.99 11.43 -6.95
N GLN A 121 -20.80 10.75 -7.75
CA GLN A 121 -21.80 11.40 -8.59
C GLN A 121 -22.72 12.34 -7.81
N HIS A 122 -23.08 11.96 -6.60
CA HIS A 122 -23.98 12.76 -5.78
C HIS A 122 -23.24 13.57 -4.73
N ASN A 123 -21.93 13.75 -4.90
CA ASN A 123 -21.18 14.69 -4.07
C ASN A 123 -21.24 14.33 -2.59
N MET A 124 -21.30 13.02 -2.29
CA MET A 124 -21.50 12.60 -0.91
C MET A 124 -20.21 12.46 -0.13
N VAL A 125 -19.06 12.43 -0.80
CA VAL A 125 -17.78 12.41 -0.13
C VAL A 125 -16.95 13.53 -0.74
N ASP A 126 -15.85 13.88 -0.07
CA ASP A 126 -15.12 15.11 -0.39
C ASP A 126 -13.73 14.88 -0.93
N VAL A 127 -13.10 13.76 -0.60
CA VAL A 127 -11.73 13.45 -1.02
C VAL A 127 -11.68 11.96 -1.34
N LEU A 128 -11.08 11.59 -2.45
CA LEU A 128 -10.82 10.22 -2.84
C LEU A 128 -9.33 9.95 -2.78
N VAL A 129 -8.95 8.76 -2.28
CA VAL A 129 -7.58 8.28 -2.35
C VAL A 129 -7.63 6.85 -2.88
N THR A 130 -6.87 6.58 -3.93
CA THR A 130 -6.78 5.24 -4.46
C THR A 130 -5.40 5.04 -5.08
N THR A 131 -5.12 3.80 -5.44
CA THR A 131 -3.89 3.46 -6.12
C THR A 131 -4.05 3.61 -7.61
N ALA A 132 -2.94 3.43 -8.34
CA ALA A 132 -2.97 3.61 -9.79
C ALA A 132 -4.03 2.72 -10.43
N GLY A 133 -4.09 1.45 -10.04
CA GLY A 133 -5.09 0.57 -10.61
C GLY A 133 -6.50 1.06 -10.36
N GLY A 134 -6.72 1.66 -9.21
CA GLY A 134 -8.02 2.21 -8.87
C GLY A 134 -8.43 3.38 -9.74
N VAL A 135 -7.48 4.02 -10.41
CA VAL A 135 -7.79 5.07 -11.39
C VAL A 135 -8.01 4.42 -12.75
N GLU A 136 -6.99 3.72 -13.26
CA GLU A 136 -7.04 3.28 -14.66
C GLU A 136 -8.16 2.26 -14.91
N GLU A 137 -8.45 1.34 -13.98
CA GLU A 137 -9.47 0.36 -14.33
C GLU A 137 -10.87 0.98 -14.41
N ASP A 138 -11.09 2.14 -13.78
CA ASP A 138 -12.37 2.82 -13.96
C ASP A 138 -12.49 3.38 -15.37
N LEU A 139 -11.40 3.94 -15.88
CA LEU A 139 -11.38 4.49 -17.23
C LEU A 139 -11.49 3.39 -18.25
N ILE A 140 -10.77 2.28 -18.04
CA ILE A 140 -10.76 1.20 -19.01
C ILE A 140 -12.14 0.58 -19.12
N LYS A 141 -12.88 0.53 -18.00
CA LYS A 141 -14.23 -0.04 -18.04
C LYS A 141 -15.18 0.78 -18.91
N CYS A 142 -14.84 2.02 -19.22
CA CYS A 142 -15.63 2.79 -20.17
C CYS A 142 -15.32 2.40 -21.60
N LEU A 143 -14.21 1.70 -21.83
CA LEU A 143 -13.82 1.22 -23.14
C LEU A 143 -14.14 -0.26 -23.37
N ALA A 144 -14.06 -1.10 -22.34
CA ALA A 144 -14.24 -2.54 -22.50
C ALA A 144 -14.47 -3.16 -21.11
N PRO A 145 -15.21 -4.25 -21.02
CA PRO A 145 -15.58 -4.78 -19.70
C PRO A 145 -14.56 -5.71 -19.08
N THR A 146 -14.75 -5.92 -17.79
CA THR A 146 -14.08 -6.94 -16.98
C THR A 146 -15.07 -8.11 -16.85
N TYR A 147 -14.54 -9.34 -16.80
CA TYR A 147 -15.38 -10.53 -16.81
C TYR A 147 -15.19 -11.36 -15.55
N LEU A 148 -16.21 -12.15 -15.24
CA LEU A 148 -16.11 -13.13 -14.16
C LEU A 148 -15.30 -14.34 -14.57
N GLY A 149 -14.50 -14.85 -13.64
CA GLY A 149 -13.71 -16.05 -13.82
C GLY A 149 -13.66 -16.84 -12.53
N GLU A 150 -12.49 -17.39 -12.20
CA GLU A 150 -12.32 -18.13 -10.96
C GLU A 150 -10.92 -17.88 -10.44
N PHE A 151 -10.77 -17.98 -9.12
CA PHE A 151 -9.42 -17.80 -8.54
C PHE A 151 -8.45 -18.87 -9.02
N SER A 152 -8.94 -20.06 -9.32
CA SER A 152 -8.05 -21.20 -9.53
C SER A 152 -7.52 -21.31 -10.96
N LEU A 153 -7.93 -20.41 -11.85
CA LEU A 153 -7.50 -20.50 -13.25
C LEU A 153 -5.98 -20.36 -13.33
N ARG A 154 -5.36 -21.20 -14.14
CA ARG A 154 -3.90 -21.29 -14.17
C ARG A 154 -3.28 -20.21 -15.06
N GLY A 155 -2.18 -19.62 -14.54
CA GLY A 155 -1.60 -18.46 -15.19
C GLY A 155 -1.03 -18.76 -16.56
N LYS A 156 -0.44 -19.94 -16.73
CA LYS A 156 0.16 -20.29 -18.02
C LYS A 156 -0.90 -20.26 -19.14
N GLU A 157 -2.01 -20.97 -18.92
CA GLU A 157 -3.06 -21.00 -19.95
CA GLU A 157 -3.05 -21.01 -19.94
C GLU A 157 -3.67 -19.62 -20.16
N LEU A 158 -3.84 -18.86 -19.08
CA LEU A 158 -4.40 -17.53 -19.27
C LEU A 158 -3.45 -16.65 -20.07
N ARG A 159 -2.16 -16.69 -19.71
CA ARG A 159 -1.17 -15.86 -20.40
C ARG A 159 -1.10 -16.21 -21.87
N GLU A 160 -1.16 -17.50 -22.19
CA GLU A 160 -1.13 -17.94 -23.58
C GLU A 160 -2.34 -17.44 -24.37
N ASN A 161 -3.44 -17.15 -23.69
CA ASN A 161 -4.63 -16.62 -24.33
C ASN A 161 -4.77 -15.11 -24.17
N GLY A 162 -3.75 -14.43 -23.66
CA GLY A 162 -3.83 -12.98 -23.50
C GLY A 162 -4.88 -12.51 -22.52
N ILE A 163 -5.10 -13.26 -21.44
CA ILE A 163 -6.07 -12.89 -20.40
C ILE A 163 -5.35 -12.73 -19.07
N ASN A 164 -5.58 -11.60 -18.41
CA ASN A 164 -4.98 -11.28 -17.12
C ASN A 164 -5.97 -11.55 -15.99
N ARG A 165 -5.52 -12.18 -14.91
CA ARG A 165 -6.41 -12.49 -13.79
C ARG A 165 -6.28 -11.47 -12.66
N ILE A 166 -7.43 -11.08 -12.11
CA ILE A 166 -7.49 -10.21 -10.94
C ILE A 166 -8.41 -10.95 -9.96
N GLY A 167 -7.84 -11.73 -9.07
CA GLY A 167 -8.71 -12.53 -8.20
C GLY A 167 -9.52 -13.52 -9.01
N ASN A 168 -10.86 -13.48 -8.88
CA ASN A 168 -11.71 -14.29 -9.75
C ASN A 168 -12.30 -13.48 -10.91
N LEU A 169 -11.63 -12.40 -11.30
CA LEU A 169 -12.00 -11.59 -12.44
C LEU A 169 -10.94 -11.73 -13.53
N LEU A 170 -11.32 -11.33 -14.74
CA LEU A 170 -10.49 -11.51 -15.91
C LEU A 170 -10.55 -10.27 -16.80
N VAL A 171 -9.40 -9.81 -17.28
CA VAL A 171 -9.32 -8.67 -18.18
CA VAL A 171 -9.35 -8.69 -18.21
C VAL A 171 -8.48 -9.07 -19.38
N PRO A 172 -9.01 -9.01 -20.61
CA PRO A 172 -8.18 -9.30 -21.78
C PRO A 172 -7.10 -8.25 -21.97
N ASN A 173 -5.98 -8.68 -22.56
CA ASN A 173 -4.92 -7.76 -22.91
C ASN A 173 -5.45 -6.63 -23.77
N GLU A 174 -6.43 -6.94 -24.64
CA GLU A 174 -6.93 -5.93 -25.58
C GLU A 174 -7.50 -4.71 -24.86
N ASN A 175 -7.97 -4.88 -23.61
CA ASN A 175 -8.46 -3.72 -22.85
C ASN A 175 -7.39 -2.64 -22.75
N TYR A 176 -6.13 -3.05 -22.57
CA TYR A 176 -5.00 -2.14 -22.36
C TYR A 176 -4.59 -1.56 -23.68
N CSS A 177 -4.81 -2.28 -24.79
CA CSS A 177 -4.54 -1.73 -26.11
CB CSS A 177 -4.62 -2.76 -27.25
SG CSS A 177 -3.50 -4.11 -27.07
SD CSS A 177 -1.63 -3.16 -26.90
C CSS A 177 -5.52 -0.60 -26.40
O CSS A 177 -5.20 0.46 -26.94
HB2 CSS A 177 -4.46 -2.24 -28.24
HB3 CSS A 177 -5.63 -3.26 -27.27
HD CSS A 177 -0.84 -4.17 -27.24
N LYS A 178 -6.79 -0.80 -26.04
CA LYS A 178 -7.78 0.28 -26.20
C LYS A 178 -7.44 1.48 -25.31
N PHE A 179 -6.98 1.19 -24.10
CA PHE A 179 -6.56 2.25 -23.19
C PHE A 179 -5.41 3.05 -23.76
N GLU A 180 -4.43 2.37 -24.33
CA GLU A 180 -3.30 3.04 -24.96
C GLU A 180 -3.77 4.01 -26.05
N ASP A 181 -4.63 3.54 -26.94
CA ASP A 181 -5.08 4.38 -28.04
C ASP A 181 -5.80 5.62 -27.53
N TRP A 182 -6.59 5.46 -26.47
CA TRP A 182 -7.35 6.57 -25.88
C TRP A 182 -6.44 7.56 -25.19
N LEU A 183 -5.41 7.06 -24.49
CA LEU A 183 -4.61 7.87 -23.59
C LEU A 183 -3.51 8.65 -24.30
N MET A 184 -2.91 8.11 -25.37
CA MET A 184 -1.71 8.75 -25.93
C MET A 184 -1.95 10.18 -26.36
N PRO A 185 -3.04 10.51 -27.08
CA PRO A 185 -3.28 11.92 -27.45
C PRO A 185 -3.45 12.83 -26.26
N ILE A 186 -4.02 12.32 -25.16
CA ILE A 186 -4.18 13.13 -23.96
C ILE A 186 -2.82 13.42 -23.34
N LEU A 187 -1.94 12.42 -23.28
CA LEU A 187 -0.59 12.65 -22.78
C LEU A 187 0.14 13.69 -23.65
N ASP A 188 -0.06 13.66 -24.97
CA ASP A 188 0.50 14.68 -25.85
C ASP A 188 0.06 16.07 -25.40
N GLN A 189 -1.23 16.22 -25.15
CA GLN A 189 -1.75 17.54 -24.75
C GLN A 189 -1.18 17.94 -23.40
N MET A 190 -1.06 16.99 -22.47
CA MET A 190 -0.50 17.33 -21.16
C MET A 190 0.93 17.83 -21.27
N VAL A 191 1.76 17.19 -22.11
CA VAL A 191 3.14 17.66 -22.24
C VAL A 191 3.14 19.06 -22.87
N MET A 192 2.29 19.27 -23.86
CA MET A 192 2.23 20.59 -24.49
C MET A 192 1.78 21.65 -23.51
N GLU A 193 0.81 21.33 -22.65
CA GLU A 193 0.35 22.32 -21.68
C GLU A 193 1.39 22.59 -20.60
N GLN A 194 2.13 21.56 -20.20
CA GLN A 194 3.22 21.77 -19.26
C GLN A 194 4.27 22.72 -19.85
N ASN A 195 4.65 22.51 -21.10
CA ASN A 195 5.83 23.21 -21.61
C ASN A 195 5.52 24.61 -22.12
N THR A 196 4.29 24.89 -22.52
CA THR A 196 3.93 26.19 -23.07
C THR A 196 2.86 26.94 -22.30
N GLU A 197 2.17 26.32 -21.37
CA GLU A 197 1.14 27.02 -20.59
C GLU A 197 1.43 26.97 -19.10
N GLY A 198 2.62 26.54 -18.72
CA GLY A 198 3.04 26.55 -17.32
C GLY A 198 2.33 25.57 -16.41
N VAL A 199 1.68 24.54 -16.95
CA VAL A 199 0.97 23.62 -16.06
C VAL A 199 1.99 22.78 -15.31
N LYS A 200 1.79 22.63 -14.00
CA LYS A 200 2.64 21.79 -13.16
C LYS A 200 1.81 20.58 -12.79
N TRP A 201 2.01 19.47 -13.49
CA TRP A 201 1.17 18.30 -13.27
C TRP A 201 1.49 17.62 -11.95
N THR A 202 0.44 17.13 -11.31
CA THR A 202 0.49 16.24 -10.15
C THR A 202 -0.47 15.10 -10.41
N PRO A 203 -0.42 14.03 -9.60
CA PRO A 203 -1.42 12.98 -9.81
C PRO A 203 -2.84 13.48 -9.75
N SER A 204 -3.21 14.28 -8.75
CA SER A 204 -4.60 14.69 -8.67
C SER A 204 -5.01 15.51 -9.90
N LYS A 205 -4.10 16.34 -10.40
CA LYS A 205 -4.49 17.15 -11.55
C LYS A 205 -4.64 16.28 -12.78
N MET A 206 -3.76 15.28 -12.92
CA MET A 206 -3.88 14.33 -14.03
C MET A 206 -5.17 13.56 -13.94
N ILE A 207 -5.53 13.10 -12.74
CA ILE A 207 -6.75 12.30 -12.59
C ILE A 207 -7.99 13.13 -12.91
N ALA A 208 -8.00 14.41 -12.53
CA ALA A 208 -9.10 15.29 -12.92
C ALA A 208 -9.21 15.40 -14.44
N ARG A 209 -8.07 15.57 -15.11
CA ARG A 209 -8.09 15.69 -16.56
C ARG A 209 -8.57 14.40 -17.22
N LEU A 210 -8.12 13.25 -16.73
CA LEU A 210 -8.54 12.01 -17.33
C LEU A 210 -10.03 11.78 -17.15
N GLY A 211 -10.59 12.18 -16.00
CA GLY A 211 -12.02 12.06 -15.81
C GLY A 211 -12.79 12.98 -16.75
N LYS A 212 -12.30 14.20 -16.98
CA LYS A 212 -12.96 15.06 -17.95
C LYS A 212 -12.88 14.48 -19.35
N GLU A 213 -11.73 13.91 -19.71
CA GLU A 213 -11.55 13.35 -21.04
C GLU A 213 -12.41 12.10 -21.26
N ILE A 214 -12.56 11.24 -20.25
CA ILE A 214 -13.32 10.02 -20.49
C ILE A 214 -14.79 10.34 -20.76
N ASN A 215 -15.31 11.40 -20.17
CA ASN A 215 -16.57 12.01 -20.60
C ASN A 215 -17.68 10.97 -20.69
N ASN A 216 -17.84 10.23 -19.61
CA ASN A 216 -18.71 9.07 -19.59
C ASN A 216 -19.29 8.99 -18.19
N PRO A 217 -20.62 9.02 -18.03
CA PRO A 217 -21.19 9.04 -16.67
C PRO A 217 -21.08 7.73 -15.94
N GLU A 218 -20.53 6.67 -16.53
CA GLU A 218 -20.24 5.46 -15.80
CA GLU A 218 -20.26 5.47 -15.75
C GLU A 218 -18.97 5.57 -14.97
N SER A 219 -18.15 6.60 -15.22
CA SER A 219 -16.82 6.72 -14.64
C SER A 219 -16.85 7.47 -13.30
N VAL A 220 -16.21 6.88 -12.30
CA VAL A 220 -15.96 7.56 -11.02
C VAL A 220 -15.31 8.90 -11.25
N TYR A 221 -14.23 8.94 -12.06
CA TYR A 221 -13.39 10.13 -12.15
C TYR A 221 -14.02 11.20 -13.02
N TYR A 222 -14.87 10.83 -13.97
CA TYR A 222 -15.71 11.82 -14.61
C TYR A 222 -16.53 12.59 -13.58
N TRP A 223 -17.19 11.89 -12.67
CA TRP A 223 -17.99 12.61 -11.68
C TRP A 223 -17.11 13.35 -10.67
N ALA A 224 -15.97 12.78 -10.28
CA ALA A 224 -15.13 13.48 -9.31
C ALA A 224 -14.72 14.86 -9.84
N GLN A 225 -14.27 14.94 -11.10
CA GLN A 225 -13.83 16.24 -11.59
C GLN A 225 -15.01 17.16 -11.77
N LYS A 226 -16.15 16.63 -12.18
CA LYS A 226 -17.30 17.51 -12.37
C LYS A 226 -17.75 18.12 -11.05
N ASN A 227 -17.60 17.39 -9.95
CA ASN A 227 -18.06 17.81 -8.64
C ASN A 227 -16.93 18.38 -7.79
N HIS A 228 -15.76 18.57 -8.40
CA HIS A 228 -14.58 19.12 -7.71
C HIS A 228 -14.19 18.30 -6.49
N ILE A 229 -14.22 16.97 -6.64
CA ILE A 229 -13.72 16.06 -5.61
C ILE A 229 -12.32 15.66 -6.04
N PRO A 230 -11.27 16.04 -5.31
CA PRO A 230 -9.91 15.67 -5.73
C PRO A 230 -9.63 14.22 -5.42
N VAL A 231 -8.73 13.64 -6.24
CA VAL A 231 -8.31 12.27 -6.13
C VAL A 231 -6.80 12.27 -5.93
N PHE A 232 -6.34 11.73 -4.80
CA PHE A 232 -4.91 11.64 -4.52
C PHE A 232 -4.47 10.21 -4.75
N SER A 233 -3.27 10.06 -5.32
CA SER A 233 -2.71 8.78 -5.71
C SER A 233 -1.21 8.96 -5.84
N PRO A 234 -0.49 9.03 -4.72
CA PRO A 234 0.93 9.45 -4.80
C PRO A 234 1.83 8.47 -5.52
N ALA A 235 1.42 7.20 -5.71
CA ALA A 235 2.18 6.30 -6.57
C ALA A 235 1.41 6.02 -7.86
N LEU A 236 1.02 7.08 -8.57
CA LEU A 236 0.17 6.88 -9.73
C LEU A 236 0.88 6.15 -10.85
N THR A 237 2.21 6.15 -10.86
CA THR A 237 2.97 5.46 -11.87
C THR A 237 2.97 3.93 -11.72
N ASP A 238 2.35 3.37 -10.69
CA ASP A 238 2.46 1.94 -10.38
C ASP A 238 1.26 1.18 -10.95
N GLY A 239 1.23 1.10 -12.27
CA GLY A 239 0.19 0.37 -12.96
C GLY A 239 0.24 0.62 -14.47
N SER A 240 -0.92 0.43 -15.11
CA SER A 240 -1.00 0.59 -16.57
C SER A 240 -0.80 2.05 -16.95
N LEU A 241 -1.34 2.98 -16.18
CA LEU A 241 -1.07 4.41 -16.43
CA LEU A 241 -1.07 4.39 -16.45
C LEU A 241 0.43 4.66 -16.47
N GLY A 242 1.16 4.06 -15.54
CA GLY A 242 2.60 4.15 -15.55
C GLY A 242 3.20 3.54 -16.81
N ASP A 243 2.74 2.35 -17.19
CA ASP A 243 3.22 1.73 -18.42
C ASP A 243 3.09 2.72 -19.57
N MET A 244 1.92 3.35 -19.65
CA MET A 244 1.63 4.20 -20.80
C MET A 244 2.43 5.48 -20.75
N ILE A 245 2.57 6.06 -19.55
CA ILE A 245 3.41 7.25 -19.41
C ILE A 245 4.84 6.93 -19.81
N PHE A 246 5.31 5.75 -19.40
CA PHE A 246 6.65 5.28 -19.76
C PHE A 246 6.83 5.16 -21.27
N PHE A 247 5.93 4.41 -21.93
CA PHE A 247 6.08 4.26 -23.37
C PHE A 247 5.99 5.62 -24.06
N HIS A 248 5.04 6.44 -23.62
CA HIS A 248 4.81 7.73 -24.26
C HIS A 248 6.04 8.62 -24.15
N SER A 249 6.76 8.53 -23.03
CA SER A 249 7.91 9.40 -22.82
C SER A 249 9.03 9.16 -23.83
N TYR A 250 9.07 7.99 -24.47
CA TYR A 250 10.08 7.75 -25.51
C TYR A 250 9.65 8.32 -26.86
N LYS A 251 8.37 8.62 -27.01
CA LYS A 251 7.83 9.31 -28.18
C LYS A 251 7.66 10.81 -27.96
N ASN A 252 7.52 11.26 -26.71
CA ASN A 252 7.21 12.67 -26.42
C ASN A 252 7.75 12.96 -25.03
N PRO A 253 9.04 13.21 -24.92
CA PRO A 253 9.64 13.24 -23.57
C PRO A 253 9.25 14.48 -22.78
N GLY A 254 9.39 14.36 -21.46
CA GLY A 254 9.40 15.50 -20.58
C GLY A 254 8.27 15.62 -19.59
N LEU A 255 7.24 14.77 -19.63
CA LEU A 255 6.18 14.89 -18.64
C LEU A 255 6.75 14.69 -17.23
N VAL A 256 6.37 15.58 -16.30
CA VAL A 256 6.75 15.50 -14.90
C VAL A 256 5.47 15.39 -14.08
N LEU A 257 5.44 14.49 -13.09
CA LEU A 257 4.36 14.42 -12.11
C LEU A 257 4.95 14.64 -10.73
N ASP A 258 4.63 15.77 -10.12
CA ASP A 258 5.12 16.15 -8.80
C ASP A 258 4.19 15.61 -7.72
N ILE A 259 4.76 14.97 -6.69
CA ILE A 259 3.93 14.53 -5.57
C ILE A 259 3.94 15.51 -4.41
N VAL A 260 4.83 16.51 -4.40
CA VAL A 260 4.90 17.43 -3.26
C VAL A 260 3.65 18.31 -3.19
N GLU A 261 3.25 18.92 -4.31
CA GLU A 261 2.08 19.80 -4.25
CA GLU A 261 2.07 19.79 -4.28
C GLU A 261 0.83 19.01 -3.86
N ASP A 262 0.72 17.74 -4.29
CA ASP A 262 -0.43 16.93 -3.89
C ASP A 262 -0.43 16.64 -2.39
N LEU A 263 0.76 16.56 -1.79
CA LEU A 263 0.82 16.41 -0.33
C LEU A 263 0.27 17.64 0.36
N ARG A 264 0.63 18.84 -0.12
CA ARG A 264 0.06 20.06 0.44
C ARG A 264 -1.45 20.11 0.27
N LEU A 265 -1.94 19.66 -0.88
CA LEU A 265 -3.39 19.72 -1.13
C LEU A 265 -4.16 18.78 -0.20
N ILE A 266 -3.71 17.53 -0.03
CA ILE A 266 -4.50 16.64 0.83
C ILE A 266 -4.38 17.05 2.29
N ASN A 267 -3.18 17.45 2.73
CA ASN A 267 -3.03 17.81 4.13
C ASN A 267 -3.87 19.02 4.50
N THR A 268 -3.97 20.00 3.60
CA THR A 268 -4.79 21.17 3.93
C THR A 268 -6.28 20.83 3.91
N GLN A 269 -6.70 19.81 3.15
CA GLN A 269 -8.09 19.36 3.25
C GLN A 269 -8.42 18.91 4.68
N ALA A 270 -7.47 18.24 5.35
CA ALA A 270 -7.71 17.83 6.73
C ALA A 270 -7.57 18.99 7.70
N ILE A 271 -6.54 19.81 7.52
CA ILE A 271 -6.24 20.85 8.51
C ILE A 271 -7.41 21.82 8.65
N PHE A 272 -8.02 22.19 7.52
CA PHE A 272 -9.04 23.24 7.55
C PHE A 272 -10.46 22.69 7.57
N ALA A 273 -10.62 21.43 7.90
CA ALA A 273 -11.92 20.82 8.09
C ALA A 273 -12.53 21.21 9.42
N LYS A 274 -13.86 21.30 9.45
CA LYS A 274 -14.60 21.44 10.71
C LYS A 274 -14.59 20.11 11.47
N CYS A 275 -14.92 19.03 10.77
CA CYS A 275 -14.85 17.66 11.26
C CYS A 275 -14.38 16.82 10.08
N THR A 276 -13.84 15.63 10.35
CA THR A 276 -13.52 14.71 9.27
C THR A 276 -14.00 13.30 9.61
N GLY A 277 -14.35 12.58 8.56
CA GLY A 277 -14.56 11.15 8.67
C GLY A 277 -13.69 10.44 7.65
N MET A 278 -13.27 9.22 7.99
CA MET A 278 -12.51 8.35 7.11
C MET A 278 -13.31 7.08 6.86
N ILE A 279 -13.49 6.73 5.59
CA ILE A 279 -14.08 5.46 5.19
C ILE A 279 -13.03 4.80 4.33
N ILE A 280 -12.44 3.71 4.81
CA ILE A 280 -11.26 3.15 4.16
C ILE A 280 -11.51 1.69 3.85
N LEU A 281 -11.49 1.35 2.56
CA LEU A 281 -11.68 0.01 2.07
C LEU A 281 -10.32 -0.53 1.64
N GLY A 282 -9.81 -1.53 2.38
CA GLY A 282 -8.52 -2.10 2.09
C GLY A 282 -7.42 -1.44 2.87
N GLY A 283 -6.19 -1.80 2.50
CA GLY A 283 -5.03 -1.33 3.25
C GLY A 283 -4.00 -0.62 2.39
N GLY A 284 -2.73 -0.66 2.81
CA GLY A 284 -1.68 -0.06 1.99
C GLY A 284 -1.71 1.46 2.02
N VAL A 285 -1.19 2.05 0.94
CA VAL A 285 -1.03 3.50 0.85
CA VAL A 285 -1.03 3.50 0.89
C VAL A 285 -2.36 4.23 1.03
N VAL A 286 -3.46 3.68 0.48
CA VAL A 286 -4.72 4.42 0.57
C VAL A 286 -5.10 4.63 2.04
N LYS A 287 -4.89 3.61 2.87
CA LYS A 287 -5.23 3.72 4.28
C LYS A 287 -4.28 4.67 4.99
N HIS A 288 -2.97 4.48 4.76
CA HIS A 288 -1.98 5.26 5.49
C HIS A 288 -2.03 6.73 5.09
N HIS A 289 -2.27 7.00 3.80
CA HIS A 289 -2.22 8.39 3.30
C HIS A 289 -3.38 9.21 3.84
N ILE A 290 -4.57 8.61 3.89
CA ILE A 290 -5.72 9.31 4.49
C ILE A 290 -5.48 9.53 5.96
N ALA A 291 -5.01 8.51 6.67
CA ALA A 291 -4.83 8.66 8.11
C ALA A 291 -3.75 9.65 8.43
N ASN A 292 -2.65 9.66 7.67
CA ASN A 292 -1.58 10.62 7.94
C ASN A 292 -2.01 12.06 7.70
N ALA A 293 -2.82 12.29 6.67
CA ALA A 293 -3.41 13.62 6.49
C ALA A 293 -4.22 14.02 7.72
N ASN A 294 -5.00 13.10 8.27
CA ASN A 294 -5.81 13.44 9.43
C ASN A 294 -5.00 13.60 10.71
N LEU A 295 -3.77 13.07 10.77
CA LEU A 295 -2.90 13.39 11.90
C LEU A 295 -2.60 14.89 11.97
N MET A 296 -2.63 15.56 10.83
CA MET A 296 -2.33 17.00 10.78
C MET A 296 -3.35 17.86 11.51
N ARG A 297 -4.56 17.34 11.76
CA ARG A 297 -5.55 18.02 12.59
C ARG A 297 -5.71 17.37 13.96
N ASN A 298 -4.76 16.50 14.34
CA ASN A 298 -4.82 15.75 15.59
C ASN A 298 -5.92 14.69 15.59
N GLY A 299 -6.36 14.28 14.39
CA GLY A 299 -7.14 13.07 14.28
C GLY A 299 -8.51 13.24 13.66
N ALA A 300 -8.97 12.19 12.99
CA ALA A 300 -10.30 12.13 12.45
C ALA A 300 -11.34 11.98 13.56
N ASP A 301 -12.51 12.56 13.34
CA ASP A 301 -13.60 12.47 14.30
C ASP A 301 -14.39 11.17 14.17
N TYR A 302 -14.45 10.61 12.96
CA TYR A 302 -15.16 9.37 12.67
C TYR A 302 -14.31 8.52 11.75
N ALA A 303 -14.39 7.19 11.92
CA ALA A 303 -13.61 6.34 11.04
C ALA A 303 -14.23 4.94 10.95
N VAL A 304 -14.31 4.44 9.72
CA VAL A 304 -14.72 3.08 9.42
C VAL A 304 -13.69 2.45 8.51
N TYR A 305 -13.20 1.27 8.90
CA TYR A 305 -12.35 0.47 8.05
CA TYR A 305 -12.30 0.43 8.10
C TYR A 305 -13.08 -0.80 7.66
N ILE A 306 -12.95 -1.21 6.40
CA ILE A 306 -13.42 -2.52 5.95
C ILE A 306 -12.26 -3.18 5.23
N ASN A 307 -11.72 -4.26 5.80
CA ASN A 307 -10.62 -4.96 5.15
C ASN A 307 -10.47 -6.34 5.78
N THR A 308 -9.69 -7.17 5.12
CA THR A 308 -9.45 -8.55 5.56
C THR A 308 -8.04 -8.74 6.11
N ALA A 309 -7.29 -7.67 6.30
CA ALA A 309 -5.92 -7.79 6.79
C ALA A 309 -5.91 -8.03 8.30
N GLN A 310 -4.85 -8.72 8.75
CA GLN A 310 -4.73 -9.05 10.15
C GLN A 310 -3.54 -8.37 10.82
N GLU A 311 -3.64 -8.12 12.14
CA GLU A 311 -2.66 -7.26 12.77
C GLU A 311 -1.34 -7.96 13.03
N PHE A 312 -1.31 -9.30 13.06
CA PHE A 312 -0.22 -9.99 13.76
C PHE A 312 1.15 -9.81 13.12
N ASP A 313 1.23 -9.44 11.84
CA ASP A 313 2.53 -9.22 11.22
C ASP A 313 3.02 -7.78 11.38
N GLY A 314 2.30 -6.96 12.15
CA GLY A 314 2.70 -5.60 12.44
C GLY A 314 2.45 -4.62 11.32
N SER A 315 1.82 -5.06 10.25
CA SER A 315 1.63 -4.19 9.08
C SER A 315 0.63 -3.07 9.39
N ASP A 316 0.85 -1.91 8.78
CA ASP A 316 -0.15 -0.86 8.90
C ASP A 316 -1.49 -1.33 8.32
N SER A 317 -1.45 -2.08 7.22
CA SER A 317 -2.71 -2.55 6.63
C SER A 317 -3.57 -3.31 7.63
N GLY A 318 -2.94 -4.18 8.42
CA GLY A 318 -3.68 -5.02 9.36
C GLY A 318 -3.89 -4.41 10.71
N ALA A 319 -3.39 -3.20 10.95
CA ALA A 319 -3.53 -2.58 12.27
C ALA A 319 -4.98 -2.27 12.59
N ARG A 320 -5.35 -2.46 13.86
CA ARG A 320 -6.65 -2.06 14.31
C ARG A 320 -6.75 -0.52 14.38
N PRO A 321 -7.97 0.01 14.34
CA PRO A 321 -8.11 1.47 14.52
C PRO A 321 -7.43 2.01 15.76
N ASP A 322 -7.35 1.21 16.83
CA ASP A 322 -6.75 1.71 18.06
C ASP A 322 -5.25 1.93 17.90
N GLU A 323 -4.60 1.31 16.92
CA GLU A 323 -3.21 1.72 16.66
C GLU A 323 -3.17 3.15 16.15
N ALA A 324 -4.10 3.51 15.25
CA ALA A 324 -4.11 4.88 14.73
C ALA A 324 -4.39 5.89 15.84
N VAL A 325 -5.14 5.51 16.86
CA VAL A 325 -5.36 6.43 17.99
C VAL A 325 -4.03 6.76 18.66
N SER A 326 -3.13 5.77 18.80
CA SER A 326 -1.85 6.05 19.46
C SER A 326 -1.05 7.12 18.71
N TRP A 327 -1.19 7.17 17.39
CA TRP A 327 -0.46 8.11 16.54
C TRP A 327 -1.10 9.49 16.52
N GLY A 328 -2.38 9.60 16.88
CA GLY A 328 -3.12 10.83 16.70
C GLY A 328 -3.84 10.91 15.36
N LYS A 329 -3.94 9.81 14.63
CA LYS A 329 -4.62 9.78 13.34
C LYS A 329 -6.12 9.70 13.51
N ILE A 330 -6.56 9.21 14.66
CA ILE A 330 -7.96 9.15 15.06
C ILE A 330 -8.05 9.77 16.45
N ARG A 331 -9.04 10.63 16.66
CA ARG A 331 -9.14 11.29 17.96
C ARG A 331 -9.39 10.26 19.06
N VAL A 332 -8.89 10.57 20.26
CA VAL A 332 -9.11 9.65 21.39
C VAL A 332 -10.58 9.53 21.71
N ASP A 333 -11.36 10.58 21.43
CA ASP A 333 -12.78 10.58 21.73
C ASP A 333 -13.62 9.95 20.64
N ALA A 334 -13.01 9.56 19.52
CA ALA A 334 -13.77 8.93 18.46
C ALA A 334 -14.13 7.50 18.85
N GLN A 335 -15.10 6.94 18.13
CA GLN A 335 -15.53 5.55 18.30
C GLN A 335 -15.39 4.85 16.95
N PRO A 336 -14.17 4.63 16.50
CA PRO A 336 -13.97 4.03 15.17
C PRO A 336 -14.36 2.56 15.18
N VAL A 337 -14.58 2.05 13.97
CA VAL A 337 -15.08 0.71 13.73
C VAL A 337 -14.26 0.08 12.62
N LYS A 338 -13.83 -1.16 12.81
CA LYS A 338 -13.34 -1.97 11.71
C LYS A 338 -14.28 -3.16 11.52
N VAL A 339 -14.71 -3.39 10.28
CA VAL A 339 -15.40 -4.59 9.86
C VAL A 339 -14.40 -5.48 9.14
N TYR A 340 -14.21 -6.70 9.65
CA TYR A 340 -13.30 -7.68 9.05
C TYR A 340 -14.07 -8.45 7.99
N ALA A 341 -13.96 -8.01 6.74
CA ALA A 341 -14.78 -8.58 5.69
C ALA A 341 -14.29 -8.10 4.34
N ASP A 342 -14.56 -8.90 3.32
CA ASP A 342 -14.43 -8.48 1.92
C ASP A 342 -15.40 -7.35 1.62
N ALA A 343 -14.88 -6.20 1.20
CA ALA A 343 -15.77 -5.07 0.97
C ALA A 343 -16.73 -5.30 -0.19
N SER A 344 -16.47 -6.28 -1.06
CA SER A 344 -17.43 -6.49 -2.15
C SER A 344 -18.75 -6.98 -1.58
N LEU A 345 -18.71 -7.62 -0.42
CA LEU A 345 -19.91 -8.05 0.26
C LEU A 345 -20.53 -6.91 1.07
N VAL A 346 -19.73 -6.21 1.87
CA VAL A 346 -20.28 -5.35 2.91
CA VAL A 346 -20.32 -5.36 2.89
C VAL A 346 -20.47 -3.90 2.46
N PHE A 347 -19.68 -3.42 1.52
CA PHE A 347 -19.84 -2.00 1.19
C PHE A 347 -21.18 -1.67 0.54
N PRO A 348 -21.70 -2.45 -0.40
CA PRO A 348 -23.05 -2.13 -0.91
C PRO A 348 -24.11 -2.13 0.17
N LEU A 349 -24.03 -3.06 1.11
CA LEU A 349 -24.98 -3.07 2.23
C LEU A 349 -24.82 -1.83 3.10
N LEU A 350 -23.57 -1.44 3.37
CA LEU A 350 -23.34 -0.23 4.16
C LEU A 350 -23.92 1.00 3.47
N VAL A 351 -23.67 1.14 2.17
CA VAL A 351 -24.21 2.29 1.44
C VAL A 351 -25.74 2.28 1.45
N ALA A 352 -26.33 1.10 1.30
CA ALA A 352 -27.80 1.00 1.31
C ALA A 352 -28.41 1.56 2.58
N GLU A 353 -27.74 1.35 3.72
CA GLU A 353 -28.25 1.73 5.02
C GLU A 353 -27.81 3.12 5.44
N THR A 354 -26.97 3.78 4.65
CA THR A 354 -26.44 5.08 5.05
C THR A 354 -26.68 6.13 3.96
N PHE A 355 -25.71 6.31 3.07
CA PHE A 355 -25.80 7.34 2.04
C PHE A 355 -27.06 7.23 1.20
N ALA A 356 -27.43 6.01 0.80
CA ALA A 356 -28.59 5.86 -0.09
C ALA A 356 -29.91 6.21 0.58
N GLN A 357 -29.97 6.14 1.92
CA GLN A 357 -31.17 6.56 2.66
C GLN A 357 -31.30 8.07 2.78
N LYS A 358 -30.19 8.78 2.67
CA LYS A 358 -30.13 10.22 2.83
CA LYS A 358 -30.16 10.23 2.83
C LYS A 358 -30.08 10.93 1.49
N MET A 359 -30.49 10.26 0.42
CA MET A 359 -30.40 10.86 -0.90
CA MET A 359 -30.43 10.84 -0.90
C MET A 359 -31.21 12.15 -0.97
N ASP A 360 -32.35 12.21 -0.28
CA ASP A 360 -33.16 13.43 -0.29
C ASP A 360 -32.34 14.65 0.11
N ALA A 361 -31.51 14.51 1.15
CA ALA A 361 -30.73 15.65 1.64
C ALA A 361 -29.64 16.05 0.66
N PHE A 362 -29.12 15.12 -0.13
CA PHE A 362 -28.03 15.44 -1.03
C PHE A 362 -28.52 16.01 -2.35
N MET A 363 -29.83 16.26 -2.47
CA MET A 363 -30.40 16.91 -3.65
C MET A 363 -31.16 18.20 -3.34
N SER B 28 9.19 -39.09 -6.30
CA SER B 28 8.26 -38.78 -5.22
C SER B 28 8.98 -38.71 -3.88
N THR B 29 8.81 -37.60 -3.17
CA THR B 29 9.52 -37.36 -1.92
C THR B 29 8.59 -37.61 -0.75
N GLN B 30 9.06 -38.38 0.22
CA GLN B 30 8.28 -38.71 1.39
C GLN B 30 8.33 -37.60 2.44
N VAL B 31 7.23 -37.46 3.17
CA VAL B 31 7.21 -36.56 4.31
C VAL B 31 7.99 -37.19 5.45
N ARG B 32 8.87 -36.38 6.08
CA ARG B 32 9.65 -36.82 7.23
C ARG B 32 10.18 -35.57 7.92
N GLY B 33 9.96 -35.47 9.22
CA GLY B 33 10.47 -34.32 9.96
C GLY B 33 11.81 -34.59 10.57
N TYR B 34 12.45 -33.52 11.04
CA TYR B 34 13.73 -33.66 11.73
C TYR B 34 13.55 -34.49 12.99
N ASP B 35 14.48 -35.44 13.20
CA ASP B 35 14.46 -36.33 14.37
C ASP B 35 15.44 -35.80 15.42
N PHE B 36 14.89 -35.21 16.48
CA PHE B 36 15.76 -34.65 17.52
C PHE B 36 16.50 -35.71 18.31
N ASN B 37 16.25 -37.00 18.10
CA ASN B 37 17.19 -37.96 18.66
C ASN B 37 18.58 -37.81 18.10
N ARG B 38 18.73 -37.12 16.97
CA ARG B 38 20.06 -36.84 16.44
C ARG B 38 20.75 -35.72 17.19
N GLY B 39 20.07 -35.07 18.14
CA GLY B 39 20.53 -33.84 18.77
C GLY B 39 20.09 -32.63 17.98
N VAL B 40 20.60 -31.47 18.37
CA VAL B 40 20.20 -30.21 17.73
C VAL B 40 21.30 -29.86 16.74
N ASN B 41 21.16 -30.38 15.52
CA ASN B 41 22.03 -30.07 14.39
C ASN B 41 21.22 -29.05 13.60
N TYR B 42 21.55 -27.77 13.76
CA TYR B 42 20.65 -26.73 13.25
C TYR B 42 20.57 -26.74 11.73
N ARG B 43 21.71 -26.93 11.04
CA ARG B 43 21.62 -26.94 9.58
C ARG B 43 20.74 -28.11 9.09
N ALA B 44 20.88 -29.28 9.72
CA ALA B 44 20.03 -30.40 9.34
C ALA B 44 18.57 -30.15 9.68
N LEU B 45 18.31 -29.46 10.79
CA LEU B 45 16.95 -29.11 11.16
C LEU B 45 16.32 -28.15 10.15
N LEU B 46 17.07 -27.16 9.70
CA LEU B 46 16.56 -26.25 8.67
CA LEU B 46 16.55 -26.25 8.67
C LEU B 46 16.36 -26.98 7.35
N GLU B 47 17.30 -27.86 6.99
CA GLU B 47 17.14 -28.59 5.74
C GLU B 47 15.93 -29.49 5.76
N ALA B 48 15.56 -29.99 6.94
CA ALA B 48 14.40 -30.86 7.08
C ALA B 48 13.09 -30.13 6.88
N PHE B 49 13.06 -28.79 6.87
CA PHE B 49 11.79 -28.11 6.57
C PHE B 49 11.25 -28.55 5.21
N GLY B 50 12.15 -28.78 4.25
CA GLY B 50 11.70 -29.14 2.92
C GLY B 50 10.78 -30.36 2.85
N THR B 51 11.01 -31.36 3.70
CA THR B 51 10.19 -32.56 3.70
C THR B 51 9.17 -32.57 4.84
N THR B 52 9.01 -31.46 5.55
CA THR B 52 8.08 -31.42 6.69
C THR B 52 6.65 -31.11 6.25
N GLY B 53 6.46 -30.40 5.15
CA GLY B 53 5.11 -30.13 4.65
C GLY B 53 4.63 -28.72 4.95
N PHE B 54 3.47 -28.40 4.36
CA PHE B 54 2.79 -27.11 4.53
C PHE B 54 3.78 -25.98 4.31
N GLN B 55 3.78 -24.94 5.15
CA GLN B 55 4.67 -23.82 4.84
C GLN B 55 6.14 -24.14 5.10
N ALA B 56 6.46 -25.18 5.91
CA ALA B 56 7.87 -25.57 6.00
C ALA B 56 8.39 -26.01 4.66
N THR B 57 7.58 -26.74 3.89
CA THR B 57 8.02 -27.15 2.55
C THR B 57 8.18 -25.93 1.65
N ASN B 58 7.28 -24.98 1.76
CA ASN B 58 7.41 -23.77 0.94
C ASN B 58 8.67 -23.01 1.32
N PHE B 59 9.01 -22.98 2.61
CA PHE B 59 10.30 -22.40 3.02
C PHE B 59 11.45 -23.11 2.32
N GLY B 60 11.45 -24.44 2.31
CA GLY B 60 12.52 -25.15 1.62
C GLY B 60 12.57 -24.80 0.14
N ARG B 61 11.40 -24.66 -0.48
CA ARG B 61 11.35 -24.27 -1.89
CA ARG B 61 11.35 -24.27 -1.89
C ARG B 61 11.88 -22.85 -2.07
N ALA B 62 11.61 -21.97 -1.10
CA ALA B 62 12.11 -20.61 -1.20
C ALA B 62 13.64 -20.58 -1.11
N VAL B 63 14.21 -21.41 -0.22
CA VAL B 63 15.66 -21.53 -0.14
C VAL B 63 16.22 -21.95 -1.49
N GLN B 64 15.58 -22.93 -2.13
CA GLN B 64 16.06 -23.39 -3.44
C GLN B 64 15.96 -22.27 -4.48
N GLN B 65 14.86 -21.51 -4.46
CA GLN B 65 14.68 -20.43 -5.43
C GLN B 65 15.72 -19.32 -5.25
N VAL B 66 15.92 -18.90 -4.00
CA VAL B 66 16.93 -17.88 -3.76
C VAL B 66 18.32 -18.40 -4.08
N ASN B 67 18.62 -19.66 -3.75
CA ASN B 67 19.93 -20.16 -4.12
C ASN B 67 20.12 -20.22 -5.62
N ALA B 68 19.03 -20.46 -6.37
CA ALA B 68 19.13 -20.42 -7.83
C ALA B 68 19.43 -19.00 -8.32
N MET B 69 18.82 -17.99 -7.70
CA MET B 69 19.13 -16.60 -8.04
C MET B 69 20.60 -16.31 -7.82
N ILE B 70 21.11 -16.77 -6.67
CA ILE B 70 22.49 -16.48 -6.32
C ILE B 70 23.45 -17.21 -7.26
N GLU B 71 23.18 -18.49 -7.51
CA GLU B 71 24.05 -19.23 -8.43
CA GLU B 71 24.02 -19.25 -8.44
C GLU B 71 24.04 -18.59 -9.81
N LYS B 72 22.88 -18.11 -10.26
CA LYS B 72 22.85 -17.40 -11.55
C LYS B 72 23.65 -16.11 -11.48
N LYS B 73 23.47 -15.35 -10.40
CA LYS B 73 24.14 -14.07 -10.25
C LYS B 73 25.65 -14.22 -10.31
N LEU B 74 26.17 -15.31 -9.79
CA LEU B 74 27.61 -15.52 -9.78
C LEU B 74 28.15 -16.14 -11.07
N GLU B 75 27.28 -16.54 -11.99
N GLU B 75 27.27 -16.58 -11.98
CA GLU B 75 27.73 -17.03 -13.29
CA GLU B 75 27.73 -17.02 -13.28
C GLU B 75 28.21 -15.85 -14.14
C GLU B 75 28.28 -15.82 -14.05
N PRO B 76 29.33 -15.99 -14.84
CA PRO B 76 29.86 -14.85 -15.59
C PRO B 76 28.94 -14.48 -16.73
N LEU B 77 29.05 -13.23 -17.15
CA LEU B 77 28.32 -12.80 -18.33
C LEU B 77 29.12 -13.19 -19.57
N SER B 78 28.43 -13.71 -20.58
CA SER B 78 29.12 -13.93 -21.84
C SER B 78 29.27 -12.59 -22.54
N GLN B 79 30.04 -12.58 -23.63
CA GLN B 79 30.19 -11.36 -24.43
C GLN B 79 28.84 -10.80 -24.88
N ASP B 80 27.99 -11.66 -25.44
CA ASP B 80 26.68 -11.22 -25.89
C ASP B 80 25.84 -10.70 -24.73
N GLU B 81 25.85 -11.40 -23.60
CA GLU B 81 25.03 -10.95 -22.47
C GLU B 81 25.56 -9.65 -21.90
N ASP B 82 26.88 -9.52 -21.85
CA ASP B 82 27.51 -8.32 -21.30
C ASP B 82 27.13 -7.12 -22.14
N GLN B 83 27.16 -7.27 -23.46
CA GLN B 83 26.81 -6.17 -24.36
C GLN B 83 25.41 -5.65 -24.05
N HIS B 84 24.43 -6.55 -24.01
CA HIS B 84 23.05 -6.11 -23.85
C HIS B 84 22.85 -5.52 -22.48
N ALA B 85 23.46 -6.15 -21.49
CA ALA B 85 23.24 -5.76 -20.13
C ALA B 85 23.93 -4.43 -19.79
N ASP B 86 24.98 -4.07 -20.53
CA ASP B 86 25.67 -2.79 -20.36
C ASP B 86 24.94 -1.62 -20.99
N LEU B 87 23.73 -1.83 -21.52
CA LEU B 87 23.04 -0.77 -22.24
C LEU B 87 22.38 0.25 -21.32
N THR B 88 22.55 0.12 -20.02
CA THR B 88 21.99 1.06 -19.06
C THR B 88 23.02 2.12 -18.71
N GLN B 89 22.52 3.26 -18.24
CA GLN B 89 23.32 4.36 -17.73
C GLN B 89 23.54 4.25 -16.22
N SER B 90 23.68 3.03 -15.72
CA SER B 90 23.79 2.79 -14.29
C SER B 90 25.24 2.50 -13.92
N ARG B 91 25.63 2.99 -12.74
CA ARG B 91 27.01 2.88 -12.29
C ARG B 91 27.35 1.49 -11.79
N ARG B 92 26.35 0.72 -11.43
CA ARG B 92 26.56 -0.54 -10.75
C ARG B 92 27.13 -1.59 -11.70
N PRO B 93 28.16 -2.34 -11.30
CA PRO B 93 28.64 -3.40 -12.18
C PRO B 93 27.52 -4.37 -12.48
N LEU B 94 27.57 -4.98 -13.65
CA LEU B 94 26.53 -5.87 -14.15
CA LEU B 94 26.43 -5.81 -13.93
C LEU B 94 26.71 -7.27 -13.56
N THR B 95 25.60 -7.97 -13.37
CA THR B 95 25.70 -9.37 -12.99
C THR B 95 24.69 -10.15 -13.82
N SER B 96 24.80 -11.46 -13.70
CA SER B 96 23.96 -12.37 -14.44
C SER B 96 22.56 -12.48 -13.86
N CYS B 97 22.30 -11.94 -12.67
CA CYS B 97 20.92 -11.92 -12.16
C CYS B 97 20.71 -10.68 -11.32
N THR B 98 19.81 -9.82 -11.79
CA THR B 98 19.44 -8.60 -11.08
C THR B 98 18.35 -8.95 -10.08
N ILE B 99 18.64 -8.77 -8.79
CA ILE B 99 17.70 -9.12 -7.75
C ILE B 99 17.04 -7.86 -7.19
N PHE B 100 15.72 -7.85 -7.25
CA PHE B 100 14.86 -6.80 -6.70
C PHE B 100 14.40 -7.27 -5.32
N LEU B 101 14.63 -6.46 -4.30
CA LEU B 101 14.20 -6.75 -2.94
C LEU B 101 13.19 -5.70 -2.52
N GLY B 102 11.99 -6.14 -2.18
CA GLY B 102 10.93 -5.24 -1.74
C GLY B 102 10.49 -5.57 -0.33
N TYR B 103 10.13 -4.54 0.43
CA TYR B 103 9.73 -4.77 1.81
C TYR B 103 8.90 -3.60 2.31
N THR B 104 7.94 -3.91 3.17
CA THR B 104 7.05 -2.93 3.74
C THR B 104 7.69 -2.24 4.94
N SER B 105 7.05 -1.14 5.33
CA SER B 105 7.60 -0.25 6.35
CA SER B 105 7.62 -0.25 6.34
C SER B 105 7.78 -0.96 7.67
N ASN B 106 6.81 -1.77 8.06
CA ASN B 106 6.88 -2.44 9.35
C ASN B 106 8.16 -3.23 9.49
N LEU B 107 8.67 -3.81 8.39
CA LEU B 107 9.86 -4.64 8.51
C LEU B 107 11.10 -3.81 8.82
N ILE B 108 11.11 -2.53 8.45
CA ILE B 108 12.25 -1.68 8.79
C ILE B 108 12.15 -1.22 10.24
N SER B 109 10.91 -1.13 10.79
CA SER B 109 10.75 -0.91 12.22
C SER B 109 11.21 -2.13 13.03
N SER B 110 11.01 -3.32 12.48
CA SER B 110 11.44 -4.57 13.09
C SER B 110 12.96 -4.74 12.96
N GLY B 111 13.48 -5.81 13.57
CA GLY B 111 14.89 -6.12 13.43
C GLY B 111 15.28 -6.66 12.08
N ILE B 112 14.32 -6.93 11.21
CA ILE B 112 14.64 -7.29 9.83
C ILE B 112 15.39 -6.15 9.13
N ARG B 113 15.32 -4.94 9.68
CA ARG B 113 16.19 -3.84 9.22
C ARG B 113 17.66 -4.27 9.19
N GLU B 114 18.11 -5.02 10.19
CA GLU B 114 19.50 -5.48 10.20
C GLU B 114 19.75 -6.50 9.11
N THR B 115 18.77 -7.39 8.86
CA THR B 115 18.93 -8.38 7.80
C THR B 115 19.07 -7.69 6.45
N ILE B 116 18.19 -6.75 6.18
CA ILE B 116 18.22 -6.04 4.91
C ILE B 116 19.51 -5.24 4.78
N ARG B 117 19.93 -4.58 5.85
CA ARG B 117 21.18 -3.81 5.79
CA ARG B 117 21.17 -3.81 5.78
C ARG B 117 22.34 -4.70 5.38
N TYR B 118 22.42 -5.91 5.94
CA TYR B 118 23.51 -6.83 5.60
C TYR B 118 23.53 -7.15 4.11
N LEU B 119 22.37 -7.44 3.53
CA LEU B 119 22.34 -7.80 2.11
C LEU B 119 22.80 -6.63 1.25
N VAL B 120 22.36 -5.43 1.61
CA VAL B 120 22.70 -4.23 0.84
C VAL B 120 24.17 -3.89 1.03
N GLN B 121 24.65 -3.99 2.27
CA GLN B 121 26.05 -3.73 2.56
C GLN B 121 26.99 -4.55 1.68
N HIS B 122 26.63 -5.81 1.43
CA HIS B 122 27.52 -6.72 0.69
C HIS B 122 27.09 -6.91 -0.75
N ASN B 123 26.31 -5.98 -1.29
CA ASN B 123 25.98 -5.97 -2.72
C ASN B 123 25.27 -7.23 -3.17
N MET B 124 24.47 -7.82 -2.28
CA MET B 124 23.84 -9.09 -2.58
C MET B 124 22.53 -8.92 -3.33
N VAL B 125 21.96 -7.72 -3.33
CA VAL B 125 20.78 -7.40 -4.13
C VAL B 125 21.09 -6.13 -4.91
N ASP B 126 20.24 -5.84 -5.90
CA ASP B 126 20.55 -4.82 -6.90
C ASP B 126 19.61 -3.65 -6.94
N VAL B 127 18.35 -3.85 -6.53
CA VAL B 127 17.32 -2.81 -6.55
C VAL B 127 16.50 -2.99 -5.29
N LEU B 128 16.25 -1.90 -4.58
CA LEU B 128 15.35 -1.89 -3.43
C LEU B 128 14.06 -1.14 -3.77
N VAL B 129 12.95 -1.67 -3.27
CA VAL B 129 11.65 -0.97 -3.31
C VAL B 129 11.02 -1.03 -1.93
N THR B 130 10.64 0.14 -1.42
CA THR B 130 9.97 0.21 -0.12
C THR B 130 9.04 1.41 -0.09
N THR B 131 8.25 1.48 0.96
CA THR B 131 7.36 2.61 1.18
C THR B 131 8.08 3.70 1.96
N ALA B 132 7.40 4.84 2.14
CA ALA B 132 8.04 5.97 2.81
C ALA B 132 8.53 5.58 4.20
N GLY B 133 7.69 4.88 4.98
CA GLY B 133 8.10 4.44 6.31
C GLY B 133 9.33 3.55 6.27
N GLY B 134 9.44 2.73 5.23
CA GLY B 134 10.61 1.90 5.07
C GLY B 134 11.89 2.66 4.79
N VAL B 135 11.78 3.91 4.35
CA VAL B 135 12.96 4.75 4.21
C VAL B 135 13.24 5.44 5.53
N GLU B 136 12.26 6.22 6.01
CA GLU B 136 12.53 7.11 7.14
C GLU B 136 12.86 6.34 8.42
N GLU B 137 12.23 5.18 8.65
CA GLU B 137 12.50 4.51 9.94
C GLU B 137 13.93 3.95 10.01
N ASP B 138 14.56 3.67 8.87
CA ASP B 138 15.97 3.29 8.87
C ASP B 138 16.85 4.46 9.28
N LEU B 139 16.55 5.63 8.76
CA LEU B 139 17.35 6.80 9.11
C LEU B 139 17.15 7.17 10.57
N ILE B 140 15.91 7.13 11.03
CA ILE B 140 15.62 7.53 12.40
C ILE B 140 16.25 6.57 13.40
N LYS B 141 16.37 5.28 13.06
CA LYS B 141 17.02 4.35 13.97
C LYS B 141 18.48 4.69 14.18
N CYS B 142 19.06 5.50 13.29
CA CYS B 142 20.42 6.01 13.52
C CYS B 142 20.44 7.15 14.52
N LEU B 143 19.28 7.75 14.80
CA LEU B 143 19.14 8.84 15.76
C LEU B 143 18.61 8.38 17.11
N ALA B 144 17.74 7.37 17.11
CA ALA B 144 17.08 6.91 18.33
C ALA B 144 16.42 5.55 18.08
N PRO B 145 16.33 4.69 19.09
CA PRO B 145 15.85 3.33 18.86
C PRO B 145 14.33 3.18 18.90
N THR B 146 13.90 2.03 18.41
CA THR B 146 12.54 1.52 18.52
C THR B 146 12.53 0.48 19.63
N TYR B 147 11.41 0.40 20.36
CA TYR B 147 11.32 -0.46 21.54
C TYR B 147 10.29 -1.55 21.38
N LEU B 148 10.46 -2.62 22.15
CA LEU B 148 9.45 -3.68 22.23
C LEU B 148 8.28 -3.25 23.10
N GLY B 149 7.07 -3.61 22.67
CA GLY B 149 5.86 -3.37 23.43
C GLY B 149 4.91 -4.55 23.30
N GLU B 150 3.61 -4.29 23.16
CA GLU B 150 2.57 -5.32 23.00
C GLU B 150 1.52 -4.81 22.02
N PHE B 151 0.87 -5.74 21.31
CA PHE B 151 -0.18 -5.34 20.38
C PHE B 151 -1.36 -4.72 21.12
N SER B 152 -1.61 -5.16 22.34
CA SER B 152 -2.86 -4.80 23.02
C SER B 152 -2.80 -3.45 23.73
N LEU B 153 -1.67 -2.76 23.71
CA LEU B 153 -1.57 -1.50 24.44
C LEU B 153 -2.57 -0.49 23.89
N ARG B 154 -3.25 0.22 24.77
CA ARG B 154 -4.36 1.08 24.34
C ARG B 154 -3.88 2.42 23.79
N GLY B 155 -4.51 2.83 22.69
CA GLY B 155 -4.05 4.01 21.97
C GLY B 155 -4.22 5.29 22.77
N LYS B 156 -5.28 5.39 23.55
CA LYS B 156 -5.51 6.61 24.32
C LYS B 156 -4.35 6.88 25.28
N GLU B 157 -3.98 5.90 26.09
N GLU B 157 -3.99 5.89 26.10
CA GLU B 157 -2.91 6.10 27.06
CA GLU B 157 -2.89 6.12 27.05
C GLU B 157 -1.57 6.28 26.34
C GLU B 157 -1.57 6.33 26.31
N LEU B 158 -1.34 5.56 25.24
CA LEU B 158 -0.13 5.79 24.46
C LEU B 158 -0.09 7.22 23.92
N ARG B 159 -1.19 7.68 23.34
CA ARG B 159 -1.20 9.03 22.76
C ARG B 159 -0.96 10.09 23.82
N GLU B 160 -1.57 9.91 25.00
CA GLU B 160 -1.37 10.89 26.07
C GLU B 160 0.10 10.97 26.48
N ASN B 161 0.86 9.91 26.27
CA ASN B 161 2.27 9.89 26.59
C ASN B 161 3.16 10.09 25.37
N GLY B 162 2.58 10.42 24.22
CA GLY B 162 3.35 10.65 23.03
C GLY B 162 4.13 9.46 22.53
N ILE B 163 3.58 8.25 22.69
CA ILE B 163 4.22 7.01 22.27
C ILE B 163 3.37 6.44 21.13
N ASN B 164 4.00 6.19 19.99
CA ASN B 164 3.32 5.69 18.81
C ASN B 164 3.53 4.18 18.72
N ARG B 165 2.45 3.45 18.40
CA ARG B 165 2.52 2.00 18.31
C ARG B 165 2.64 1.50 16.86
N ILE B 166 3.53 0.53 16.66
CA ILE B 166 3.67 -0.16 15.37
C ILE B 166 3.61 -1.65 15.69
N GLY B 167 2.43 -2.26 15.57
CA GLY B 167 2.31 -3.65 15.96
C GLY B 167 2.59 -3.82 17.44
N ASN B 168 3.54 -4.69 17.78
CA ASN B 168 4.02 -4.78 19.16
C ASN B 168 5.31 -4.02 19.38
N LEU B 169 5.57 -2.98 18.58
CA LEU B 169 6.72 -2.10 18.77
C LEU B 169 6.26 -0.70 19.15
N LEU B 170 7.18 0.10 19.67
CA LEU B 170 6.84 1.42 20.19
C LEU B 170 7.90 2.42 19.77
N VAL B 171 7.47 3.57 19.24
CA VAL B 171 8.35 4.65 18.82
CA VAL B 171 8.39 4.64 18.87
C VAL B 171 7.96 5.92 19.57
N PRO B 172 8.80 6.49 20.44
CA PRO B 172 8.45 7.76 21.07
C PRO B 172 8.39 8.88 20.05
N ASN B 173 7.44 9.80 20.26
CA ASN B 173 7.34 10.89 19.30
CA ASN B 173 7.30 10.99 19.41
C ASN B 173 8.63 11.72 19.22
N GLU B 174 9.46 11.74 20.26
CA GLU B 174 10.70 12.52 20.13
C GLU B 174 11.60 11.99 19.01
N ASN B 175 11.44 10.71 18.65
CA ASN B 175 12.18 10.21 17.50
C ASN B 175 11.95 11.12 16.31
N TYR B 176 10.73 11.61 16.13
CA TYR B 176 10.40 12.41 14.94
C TYR B 176 10.84 13.85 15.10
N CSS B 177 11.00 14.31 16.33
CA CSS B 177 11.51 15.65 16.52
CA CSS B 177 11.57 15.61 16.63
CB CSS B 177 11.23 16.20 17.93
CB CSS B 177 11.53 15.95 18.12
SG CSS B 177 9.49 16.30 18.23
SG CSS B 177 9.90 16.02 18.74
SD CSS B 177 9.17 16.42 20.31
SD CSS B 177 9.19 17.46 17.43
C CSS B 177 13.02 15.63 16.21
O CSS B 177 13.58 16.54 15.62
HB2 CSS B 177 11.73 17.19 18.07
HB2 CSS B 177 12.07 16.91 18.31
HB3 CSS B 177 11.60 15.49 18.72
HB3 CSS B 177 12.01 15.13 18.74
HD CSS B 177 7.84 16.33 20.32
HD CSS B 177 9.32 18.54 18.19
N LYS B 178 13.68 14.54 16.57
CA LYS B 178 15.10 14.40 16.22
C LYS B 178 15.25 14.32 14.70
N PHE B 179 14.32 13.62 14.04
CA PHE B 179 14.32 13.53 12.59
C PHE B 179 14.12 14.90 11.96
N GLU B 180 13.20 15.68 12.50
CA GLU B 180 12.98 17.03 11.99
C GLU B 180 14.26 17.85 12.05
N ASP B 181 14.95 17.83 13.20
CA ASP B 181 16.18 18.62 13.33
C ASP B 181 17.23 18.19 12.33
N TRP B 182 17.33 16.88 12.09
CA TRP B 182 18.32 16.34 11.17
C TRP B 182 17.97 16.68 9.73
N LEU B 183 16.69 16.58 9.36
CA LEU B 183 16.28 16.62 7.96
C LEU B 183 16.13 18.03 7.41
N MET B 184 15.68 18.99 8.21
CA MET B 184 15.35 20.30 7.63
C MET B 184 16.53 20.97 6.93
N PRO B 185 17.74 20.98 7.49
CA PRO B 185 18.88 21.57 6.76
C PRO B 185 19.17 20.88 5.44
N ILE B 186 18.94 19.57 5.36
CA ILE B 186 19.10 18.87 4.10
C ILE B 186 18.05 19.33 3.10
N LEU B 187 16.79 19.47 3.55
CA LEU B 187 15.75 19.99 2.66
C LEU B 187 16.10 21.38 2.15
N ASP B 188 16.70 22.22 2.99
CA ASP B 188 17.15 23.53 2.54
C ASP B 188 18.14 23.39 1.38
N GLN B 189 19.10 22.47 1.54
CA GLN B 189 20.12 22.30 0.51
C GLN B 189 19.52 21.73 -0.77
N MET B 190 18.57 20.78 -0.66
CA MET B 190 17.97 20.22 -1.86
C MET B 190 17.24 21.27 -2.67
N VAL B 191 16.53 22.18 -2.00
CA VAL B 191 15.82 23.23 -2.72
C VAL B 191 16.80 24.17 -3.39
N MET B 192 17.88 24.50 -2.70
CA MET B 192 18.89 25.37 -3.29
C MET B 192 19.57 24.70 -4.48
N GLU B 193 19.89 23.42 -4.37
CA GLU B 193 20.47 22.72 -5.51
C GLU B 193 19.48 22.62 -6.65
N GLN B 194 18.19 22.44 -6.34
CA GLN B 194 17.17 22.44 -7.39
C GLN B 194 17.14 23.79 -8.12
N ASN B 195 17.15 24.87 -7.36
CA ASN B 195 16.88 26.17 -7.96
C ASN B 195 18.12 26.84 -8.51
N THR B 196 19.31 26.47 -8.06
CA THR B 196 20.53 27.10 -8.54
C THR B 196 21.46 26.18 -9.30
N GLU B 197 21.29 24.86 -9.20
CA GLU B 197 22.16 23.92 -9.91
C GLU B 197 21.41 23.00 -10.86
N GLY B 198 20.12 23.25 -11.09
CA GLY B 198 19.37 22.43 -12.04
C GLY B 198 19.05 21.00 -11.61
N VAL B 199 19.12 20.69 -10.32
CA VAL B 199 18.83 19.32 -9.92
C VAL B 199 17.34 19.05 -10.07
N LYS B 200 16.99 17.90 -10.65
CA LYS B 200 15.59 17.46 -10.76
C LYS B 200 15.40 16.26 -9.84
N TRP B 201 14.85 16.53 -8.66
CA TRP B 201 14.73 15.49 -7.66
C TRP B 201 13.66 14.48 -8.02
N THR B 202 13.92 13.24 -7.65
CA THR B 202 12.98 12.13 -7.68
C THR B 202 13.10 11.42 -6.34
N PRO B 203 12.17 10.53 -6.02
CA PRO B 203 12.34 9.77 -4.77
C PRO B 203 13.66 9.04 -4.68
N SER B 204 14.08 8.33 -5.73
CA SER B 204 15.32 7.57 -5.63
C SER B 204 16.51 8.49 -5.43
N LYS B 205 16.52 9.67 -6.07
CA LYS B 205 17.66 10.56 -5.86
C LYS B 205 17.66 11.13 -4.46
N MET B 206 16.48 11.43 -3.91
CA MET B 206 16.40 11.89 -2.53
C MET B 206 16.89 10.80 -1.55
N ILE B 207 16.49 9.56 -1.80
CA ILE B 207 16.88 8.48 -0.88
C ILE B 207 18.39 8.27 -0.91
N ALA B 208 19.01 8.36 -2.09
CA ALA B 208 20.47 8.27 -2.12
C ALA B 208 21.11 9.40 -1.32
N ARG B 209 20.60 10.62 -1.49
CA ARG B 209 21.16 11.76 -0.75
C ARG B 209 20.98 11.58 0.75
N LEU B 210 19.80 11.11 1.19
CA LEU B 210 19.58 10.91 2.62
C LEU B 210 20.50 9.82 3.17
N GLY B 211 20.75 8.78 2.39
CA GLY B 211 21.69 7.75 2.83
C GLY B 211 23.11 8.29 2.93
N LYS B 212 23.52 9.13 1.98
CA LYS B 212 24.85 9.74 2.09
C LYS B 212 24.93 10.66 3.30
N GLU B 213 23.87 11.41 3.59
CA GLU B 213 23.87 12.32 4.73
C GLU B 213 23.89 11.57 6.06
N ILE B 214 23.18 10.44 6.17
CA ILE B 214 23.11 9.79 7.47
C ILE B 214 24.48 9.22 7.84
N ASN B 215 25.28 8.80 6.85
CA ASN B 215 26.71 8.56 7.04
C ASN B 215 26.97 7.62 8.22
N ASN B 216 26.27 6.51 8.21
CA ASN B 216 26.25 5.62 9.38
C ASN B 216 26.15 4.18 8.87
N PRO B 217 27.09 3.30 9.24
CA PRO B 217 27.08 1.93 8.69
C PRO B 217 25.95 1.05 9.20
N GLU B 218 25.14 1.50 10.15
CA GLU B 218 23.96 0.74 10.54
C GLU B 218 22.76 0.96 9.63
N SER B 219 22.84 1.95 8.73
CA SER B 219 21.73 2.35 7.88
C SER B 219 21.72 1.57 6.56
N VAL B 220 20.55 1.03 6.22
CA VAL B 220 20.33 0.42 4.91
C VAL B 220 20.69 1.40 3.79
N TYR B 221 20.18 2.64 3.89
CA TYR B 221 20.29 3.58 2.76
C TYR B 221 21.68 4.19 2.67
N TYR B 222 22.41 4.26 3.78
CA TYR B 222 23.84 4.55 3.68
C TYR B 222 24.52 3.54 2.75
N TRP B 223 24.30 2.24 2.99
CA TRP B 223 24.98 1.24 2.15
C TRP B 223 24.42 1.24 0.73
N ALA B 224 23.13 1.48 0.57
CA ALA B 224 22.58 1.46 -0.79
C ALA B 224 23.25 2.52 -1.67
N GLN B 225 23.40 3.75 -1.17
CA GLN B 225 24.00 4.78 -2.02
C GLN B 225 25.49 4.50 -2.21
N LYS B 226 26.16 3.96 -1.20
CA LYS B 226 27.58 3.66 -1.31
C LYS B 226 27.83 2.61 -2.38
N ASN B 227 26.91 1.65 -2.50
CA ASN B 227 27.05 0.52 -3.41
C ASN B 227 26.29 0.72 -4.72
N HIS B 228 25.76 1.93 -4.96
CA HIS B 228 25.05 2.26 -6.20
C HIS B 228 23.84 1.35 -6.41
N ILE B 229 23.13 1.05 -5.33
CA ILE B 229 21.89 0.29 -5.36
C ILE B 229 20.75 1.30 -5.30
N PRO B 230 19.96 1.45 -6.37
CA PRO B 230 18.86 2.42 -6.33
C PRO B 230 17.71 1.93 -5.47
N VAL B 231 17.01 2.89 -4.87
CA VAL B 231 15.87 2.67 -4.00
C VAL B 231 14.69 3.41 -4.61
N PHE B 232 13.63 2.68 -4.94
CA PHE B 232 12.41 3.28 -5.47
C PHE B 232 11.32 3.27 -4.41
N SER B 233 10.55 4.35 -4.39
CA SER B 233 9.50 4.59 -3.41
C SER B 233 8.57 5.67 -3.98
N PRO B 234 7.69 5.32 -4.90
CA PRO B 234 6.96 6.38 -5.62
C PRO B 234 6.03 7.18 -4.74
N ALA B 235 5.58 6.65 -3.61
CA ALA B 235 4.78 7.45 -2.68
C ALA B 235 5.59 7.86 -1.46
N LEU B 236 6.75 8.48 -1.72
CA LEU B 236 7.68 8.83 -0.65
C LEU B 236 7.14 9.88 0.29
N THR B 237 6.13 10.65 -0.15
CA THR B 237 5.51 11.67 0.69
C THR B 237 4.57 11.09 1.74
N ASP B 238 4.36 9.78 1.76
CA ASP B 238 3.34 9.18 2.63
C ASP B 238 3.96 8.71 3.94
N GLY B 239 4.38 9.68 4.75
CA GLY B 239 4.92 9.42 6.07
C GLY B 239 5.57 10.65 6.68
N SER B 240 6.53 10.39 7.57
CA SER B 240 7.21 11.48 8.27
C SER B 240 8.03 12.36 7.33
N LEU B 241 8.70 11.75 6.34
CA LEU B 241 9.37 12.55 5.33
C LEU B 241 8.40 13.54 4.71
N GLY B 242 7.22 13.05 4.34
CA GLY B 242 6.18 13.94 3.86
C GLY B 242 5.78 15.00 4.87
N ASP B 243 5.60 14.61 6.14
CA ASP B 243 5.29 15.62 7.15
C ASP B 243 6.28 16.77 7.07
N MET B 244 7.57 16.42 7.01
CA MET B 244 8.63 17.41 7.11
C MET B 244 8.72 18.24 5.84
N ILE B 245 8.59 17.59 4.68
CA ILE B 245 8.54 18.31 3.41
C ILE B 245 7.38 19.30 3.43
N PHE B 246 6.23 18.86 3.97
CA PHE B 246 5.05 19.72 4.04
C PHE B 246 5.32 20.95 4.89
N PHE B 247 5.78 20.77 6.13
CA PHE B 247 6.09 21.93 6.97
C PHE B 247 7.14 22.81 6.32
N HIS B 248 8.16 22.18 5.74
CA HIS B 248 9.26 22.92 5.11
C HIS B 248 8.78 23.77 3.96
N SER B 249 7.77 23.29 3.22
CA SER B 249 7.28 23.99 2.04
C SER B 249 6.70 25.35 2.37
N TYR B 250 6.35 25.61 3.63
CA TYR B 250 5.79 26.92 3.94
C TYR B 250 6.87 27.99 4.11
N LYS B 251 8.08 27.63 4.52
CA LYS B 251 9.16 28.59 4.62
C LYS B 251 10.07 28.57 3.40
N ASN B 252 10.10 27.45 2.67
CA ASN B 252 11.02 27.28 1.56
C ASN B 252 10.27 26.53 0.47
N PRO B 253 9.38 27.23 -0.24
CA PRO B 253 8.46 26.56 -1.18
C PRO B 253 9.15 26.14 -2.47
N GLY B 254 8.53 25.15 -3.14
CA GLY B 254 8.88 24.82 -4.50
C GLY B 254 9.59 23.50 -4.73
N LEU B 255 9.87 22.72 -3.69
CA LEU B 255 10.54 21.44 -3.92
C LEU B 255 9.64 20.55 -4.76
N VAL B 256 10.22 19.93 -5.80
CA VAL B 256 9.49 19.02 -6.68
C VAL B 256 10.11 17.64 -6.56
N LEU B 257 9.26 16.63 -6.41
CA LEU B 257 9.68 15.23 -6.50
C LEU B 257 8.92 14.61 -7.67
N ASP B 258 9.64 14.34 -8.76
CA ASP B 258 9.05 13.75 -9.95
C ASP B 258 9.05 12.23 -9.83
N ILE B 259 7.89 11.60 -10.07
CA ILE B 259 7.84 10.14 -10.05
C ILE B 259 7.98 9.54 -11.46
N VAL B 260 7.88 10.34 -12.51
CA VAL B 260 7.96 9.77 -13.85
C VAL B 260 9.37 9.30 -14.17
N GLU B 261 10.38 10.13 -13.85
CA GLU B 261 11.74 9.72 -14.14
C GLU B 261 12.09 8.43 -13.40
N ASP B 262 11.64 8.29 -12.15
CA ASP B 262 11.93 7.06 -11.39
C ASP B 262 11.27 5.85 -12.01
N LEU B 263 10.13 6.03 -12.67
CA LEU B 263 9.49 4.91 -13.38
C LEU B 263 10.37 4.44 -14.54
N ARG B 264 10.92 5.36 -15.30
CA ARG B 264 11.88 4.94 -16.32
C ARG B 264 13.06 4.22 -15.71
N LEU B 265 13.56 4.72 -14.59
CA LEU B 265 14.76 4.13 -14.00
C LEU B 265 14.52 2.68 -13.53
N ILE B 266 13.41 2.43 -12.84
CA ILE B 266 13.20 1.06 -12.37
C ILE B 266 12.91 0.14 -13.55
N ASN B 267 12.12 0.60 -14.54
CA ASN B 267 11.78 -0.28 -15.63
C ASN B 267 13.02 -0.65 -16.44
N THR B 268 13.96 0.29 -16.59
CA THR B 268 15.16 -0.01 -17.35
C THR B 268 16.02 -1.02 -16.63
N GLN B 269 15.99 -1.07 -15.31
CA GLN B 269 16.73 -2.11 -14.59
C GLN B 269 16.22 -3.51 -14.94
N ALA B 270 14.90 -3.65 -15.11
CA ALA B 270 14.35 -4.95 -15.52
C ALA B 270 14.62 -5.23 -16.99
N ILE B 271 14.41 -4.24 -17.87
CA ILE B 271 14.43 -4.49 -19.31
C ILE B 271 15.80 -4.98 -19.76
N PHE B 272 16.87 -4.44 -19.18
CA PHE B 272 18.21 -4.76 -19.63
C PHE B 272 18.92 -5.77 -18.73
N ALA B 273 18.19 -6.42 -17.84
CA ALA B 273 18.77 -7.50 -17.04
C ALA B 273 18.96 -8.76 -17.85
N LYS B 274 20.01 -9.52 -17.54
CA LYS B 274 20.18 -10.83 -18.16
C LYS B 274 19.13 -11.80 -17.62
N CSS B 275 18.95 -11.78 -16.31
CA CSS B 275 17.93 -12.59 -15.60
CB CSS B 275 18.42 -13.95 -14.97
SG CSS B 275 19.02 -15.16 -16.10
SD CSS B 275 17.48 -16.19 -17.09
C CSS B 275 17.51 -11.69 -14.46
O CSS B 275 18.27 -10.85 -14.01
HB2 CSS B 275 17.58 -14.38 -14.36
HB3 CSS B 275 19.30 -13.78 -14.28
HD CSS B 275 18.21 -17.00 -17.85
N THR B 276 16.30 -11.90 -13.95
CA THR B 276 15.93 -11.23 -12.72
C THR B 276 15.34 -12.18 -11.67
N GLY B 277 15.53 -11.81 -10.42
CA GLY B 277 14.82 -12.44 -9.31
C GLY B 277 14.10 -11.38 -8.50
N MET B 278 12.95 -11.78 -7.97
CA MET B 278 12.17 -10.93 -7.07
C MET B 278 12.12 -11.59 -5.70
N ILE B 279 12.45 -10.84 -4.67
CA ILE B 279 12.26 -11.28 -3.28
C ILE B 279 11.38 -10.22 -2.65
N ILE B 280 10.14 -10.56 -2.34
CA ILE B 280 9.16 -9.55 -1.94
C ILE B 280 8.60 -9.90 -0.58
N LEU B 281 8.82 -9.02 0.39
CA LEU B 281 8.33 -9.16 1.77
C LEU B 281 7.15 -8.22 1.96
N GLY B 282 5.96 -8.78 2.10
CA GLY B 282 4.75 -7.99 2.27
C GLY B 282 4.07 -7.68 0.95
N GLY B 283 3.06 -6.82 1.03
CA GLY B 283 2.23 -6.55 -0.14
C GLY B 283 2.19 -5.08 -0.54
N GLY B 284 1.10 -4.68 -1.17
CA GLY B 284 0.95 -3.27 -1.56
C GLY B 284 1.88 -2.87 -2.69
N VAL B 285 2.23 -1.58 -2.67
CA VAL B 285 3.00 -0.99 -3.77
C VAL B 285 4.36 -1.66 -3.92
N VAL B 286 5.00 -2.07 -2.83
CA VAL B 286 6.32 -2.68 -2.96
CA VAL B 286 6.34 -2.67 -2.98
C VAL B 286 6.25 -3.93 -3.83
N LYS B 287 5.17 -4.70 -3.67
CA LYS B 287 5.02 -5.93 -4.44
C LYS B 287 4.64 -5.63 -5.88
N HIS B 288 3.65 -4.76 -6.08
CA HIS B 288 3.15 -4.52 -7.43
C HIS B 288 4.20 -3.79 -8.28
N HIS B 289 4.96 -2.87 -7.67
CA HIS B 289 5.88 -2.03 -8.43
C HIS B 289 7.05 -2.85 -8.95
N ILE B 290 7.57 -3.76 -8.13
CA ILE B 290 8.60 -4.68 -8.60
C ILE B 290 8.06 -5.60 -9.66
N ALA B 291 6.86 -6.16 -9.44
CA ALA B 291 6.30 -7.10 -10.41
C ALA B 291 5.98 -6.41 -11.72
N ASN B 292 5.48 -5.18 -11.66
CA ASN B 292 5.15 -4.47 -12.89
C ASN B 292 6.40 -4.10 -13.68
N ALA B 293 7.48 -3.73 -13.01
CA ALA B 293 8.74 -3.54 -13.71
C ALA B 293 9.18 -4.81 -14.44
N ASN B 294 9.04 -5.98 -13.80
CA ASN B 294 9.46 -7.20 -14.45
C ASN B 294 8.51 -7.64 -15.56
N LEU B 295 7.26 -7.17 -15.57
CA LEU B 295 6.41 -7.40 -16.74
C LEU B 295 7.01 -6.75 -17.99
N MET B 296 7.77 -5.66 -17.83
CA MET B 296 8.36 -5.01 -19.00
C MET B 296 9.38 -5.89 -19.70
N ARG B 297 9.92 -6.94 -19.04
CA ARG B 297 10.80 -7.90 -19.70
C ARG B 297 10.10 -9.23 -19.97
N ASN B 298 8.78 -9.25 -19.87
CA ASN B 298 7.96 -10.46 -20.00
CA ASN B 298 7.98 -10.47 -20.03
C ASN B 298 8.20 -11.45 -18.87
N GLY B 299 8.62 -10.95 -17.72
CA GLY B 299 8.59 -11.74 -16.50
C GLY B 299 9.91 -11.98 -15.81
N ALA B 300 9.84 -12.09 -14.49
CA ALA B 300 10.99 -12.47 -13.69
C ALA B 300 11.27 -13.96 -13.87
N ASP B 301 12.55 -14.30 -13.77
CA ASP B 301 12.99 -15.69 -13.86
C ASP B 301 12.84 -16.46 -12.55
N TYR B 302 12.94 -15.76 -11.41
CA TYR B 302 12.85 -16.35 -10.08
C TYR B 302 12.01 -15.42 -9.20
N ALA B 303 11.23 -15.99 -8.30
CA ALA B 303 10.43 -15.15 -7.40
C ALA B 303 10.12 -15.86 -6.10
N VAL B 304 10.30 -15.15 -4.99
CA VAL B 304 9.90 -15.59 -3.66
C VAL B 304 9.09 -14.48 -3.02
N TYR B 305 7.88 -14.82 -2.56
CA TYR B 305 6.99 -13.93 -1.80
CA TYR B 305 7.06 -13.91 -1.78
C TYR B 305 6.97 -14.45 -0.36
N ILE B 306 7.07 -13.54 0.61
CA ILE B 306 6.80 -13.86 2.01
C ILE B 306 5.80 -12.84 2.52
N ASN B 307 4.58 -13.28 2.84
CA ASN B 307 3.59 -12.35 3.37
C ASN B 307 2.45 -13.17 3.96
N THR B 308 1.58 -12.47 4.70
CA THR B 308 0.44 -13.08 5.37
C THR B 308 -0.88 -12.73 4.73
N ALA B 309 -0.87 -12.09 3.56
CA ALA B 309 -2.12 -11.70 2.93
C ALA B 309 -2.77 -12.91 2.28
N GLN B 310 -4.09 -12.90 2.19
CA GLN B 310 -4.84 -14.01 1.59
C GLN B 310 -5.53 -13.57 0.30
N GLU B 311 -5.75 -14.52 -0.61
CA GLU B 311 -6.19 -14.16 -1.95
C GLU B 311 -7.66 -13.79 -2.01
N PHE B 312 -8.48 -14.22 -1.04
CA PHE B 312 -9.91 -14.30 -1.29
C PHE B 312 -10.60 -12.95 -1.53
N ASP B 313 -10.03 -11.83 -1.10
CA ASP B 313 -10.65 -10.53 -1.38
C ASP B 313 -10.21 -9.93 -2.71
N GLY B 314 -9.44 -10.68 -3.50
CA GLY B 314 -9.00 -10.20 -4.82
C GLY B 314 -7.85 -9.22 -4.80
N SER B 315 -7.30 -8.91 -3.64
CA SER B 315 -6.23 -7.92 -3.53
C SER B 315 -4.96 -8.41 -4.20
N ASP B 316 -4.22 -7.47 -4.81
CA ASP B 316 -2.91 -7.83 -5.34
C ASP B 316 -2.00 -8.32 -4.23
N SER B 317 -2.10 -7.71 -3.03
CA SER B 317 -1.27 -8.11 -1.90
C SER B 317 -1.41 -9.61 -1.62
N GLY B 318 -2.62 -10.14 -1.69
CA GLY B 318 -2.90 -11.53 -1.36
C GLY B 318 -2.85 -12.50 -2.53
N ALA B 319 -2.59 -12.01 -3.73
CA ALA B 319 -2.59 -12.86 -4.90
C ALA B 319 -1.45 -13.87 -4.83
N ARG B 320 -1.72 -15.08 -5.28
CA ARG B 320 -0.68 -16.08 -5.39
C ARG B 320 0.27 -15.72 -6.54
N PRO B 321 1.50 -16.25 -6.52
CA PRO B 321 2.40 -16.03 -7.66
C PRO B 321 1.78 -16.40 -9.00
N ASP B 322 0.89 -17.40 -9.01
CA ASP B 322 0.34 -17.81 -10.29
C ASP B 322 -0.56 -16.75 -10.89
N GLU B 323 -1.08 -15.81 -10.09
CA GLU B 323 -1.79 -14.70 -10.71
C GLU B 323 -0.84 -13.85 -11.53
N ALA B 324 0.35 -13.59 -10.99
CA ALA B 324 1.34 -12.79 -11.70
C ALA B 324 1.77 -13.46 -12.98
N VAL B 325 1.73 -14.81 -13.04
CA VAL B 325 2.06 -15.50 -14.28
C VAL B 325 1.09 -15.13 -15.38
N SER B 326 -0.21 -15.00 -15.05
CA SER B 326 -1.18 -14.66 -16.09
C SER B 326 -0.85 -13.32 -16.73
N TRP B 327 -0.28 -12.39 -15.95
CA TRP B 327 0.04 -11.05 -16.46
C TRP B 327 1.33 -10.99 -17.26
N GLY B 328 2.22 -11.95 -17.08
CA GLY B 328 3.57 -11.86 -17.60
C GLY B 328 4.55 -11.23 -16.65
N LYS B 329 4.18 -11.08 -15.38
CA LYS B 329 5.10 -10.55 -14.38
C LYS B 329 6.11 -11.59 -13.91
N ILE B 330 5.76 -12.86 -14.03
CA ILE B 330 6.62 -14.00 -13.75
C ILE B 330 6.56 -14.88 -14.98
N ARG B 331 7.72 -15.36 -15.44
CA ARG B 331 7.74 -16.19 -16.65
C ARG B 331 6.97 -17.49 -16.42
N VAL B 332 6.44 -18.03 -17.52
CA VAL B 332 5.66 -19.26 -17.44
C VAL B 332 6.53 -20.42 -16.98
N ASP B 333 7.81 -20.40 -17.32
CA ASP B 333 8.71 -21.50 -16.95
C ASP B 333 9.35 -21.32 -15.58
N ALA B 334 9.03 -20.24 -14.88
CA ALA B 334 9.58 -20.06 -13.55
C ALA B 334 8.87 -21.01 -12.58
N GLN B 335 9.49 -21.21 -11.41
CA GLN B 335 8.91 -21.99 -10.32
C GLN B 335 8.87 -21.09 -9.09
N PRO B 336 7.98 -20.10 -9.09
CA PRO B 336 7.92 -19.16 -7.98
C PRO B 336 7.36 -19.82 -6.73
N VAL B 337 7.61 -19.18 -5.58
CA VAL B 337 7.26 -19.70 -4.28
C VAL B 337 6.69 -18.57 -3.43
N LYS B 338 5.57 -18.83 -2.77
CA LYS B 338 5.10 -17.99 -1.67
C LYS B 338 5.15 -18.76 -0.36
N VAL B 339 5.76 -18.16 0.65
CA VAL B 339 5.71 -18.64 2.04
C VAL B 339 4.70 -17.78 2.78
N TYR B 340 3.66 -18.42 3.32
CA TYR B 340 2.62 -17.71 4.05
C TYR B 340 3.07 -17.61 5.50
N ALA B 341 3.71 -16.50 5.84
CA ALA B 341 4.29 -16.32 7.16
C ALA B 341 4.70 -14.87 7.36
N ASP B 342 4.73 -14.47 8.64
CA ASP B 342 5.39 -13.23 9.08
C ASP B 342 6.88 -13.30 8.75
N ALA B 343 7.34 -12.33 7.95
CA ALA B 343 8.74 -12.34 7.52
C ALA B 343 9.70 -12.12 8.67
N SER B 344 9.22 -11.64 9.83
CA SER B 344 10.14 -11.47 10.93
C SER B 344 10.64 -12.81 11.42
N LEU B 345 9.88 -13.88 11.21
CA LEU B 345 10.30 -15.23 11.54
C LEU B 345 11.15 -15.84 10.43
N VAL B 346 10.68 -15.73 9.19
CA VAL B 346 11.22 -16.52 8.10
C VAL B 346 12.40 -15.88 7.38
N PHE B 347 12.44 -14.56 7.27
CA PHE B 347 13.45 -13.98 6.42
C PHE B 347 14.87 -14.16 6.95
N PRO B 348 15.14 -14.00 8.26
CA PRO B 348 16.50 -14.32 8.73
C PRO B 348 16.89 -15.78 8.49
N LEU B 349 15.95 -16.73 8.63
CA LEU B 349 16.26 -18.12 8.34
C LEU B 349 16.58 -18.31 6.86
N LEU B 350 15.83 -17.64 5.98
CA LEU B 350 16.10 -17.74 4.54
C LEU B 350 17.49 -17.23 4.20
N VAL B 351 17.84 -16.06 4.74
CA VAL B 351 19.15 -15.47 4.49
C VAL B 351 20.26 -16.38 5.01
N ALA B 352 20.05 -16.97 6.19
CA ALA B 352 21.03 -17.89 6.76
C ALA B 352 21.34 -19.05 5.83
N GLU B 353 20.33 -19.58 5.14
CA GLU B 353 20.46 -20.74 4.27
C GLU B 353 20.84 -20.38 2.83
N THR B 354 20.89 -19.10 2.51
CA THR B 354 21.19 -18.68 1.18
C THR B 354 22.33 -17.66 1.06
N PHE B 355 22.02 -16.39 1.09
CA PHE B 355 23.06 -15.37 0.92
C PHE B 355 24.21 -15.53 1.90
N ALA B 356 23.93 -15.80 3.17
CA ALA B 356 25.00 -15.82 4.16
C ALA B 356 25.97 -16.97 3.95
N GLN B 357 25.53 -18.06 3.31
CA GLN B 357 26.41 -19.16 2.97
C GLN B 357 27.36 -18.83 1.82
N LYS B 358 27.06 -17.82 1.02
CA LYS B 358 27.93 -17.48 -0.11
C LYS B 358 28.55 -16.10 0.08
N MET B 359 28.69 -15.68 1.34
CA MET B 359 29.19 -14.34 1.61
C MET B 359 30.57 -14.11 1.00
N ASP B 360 31.45 -15.12 1.05
CA ASP B 360 32.79 -14.93 0.51
C ASP B 360 32.76 -14.51 -0.96
N ALA B 361 31.81 -15.04 -1.73
CA ALA B 361 31.73 -14.71 -3.15
C ALA B 361 31.36 -13.25 -3.37
N PHE B 362 30.65 -12.64 -2.44
CA PHE B 362 30.19 -11.27 -2.59
C PHE B 362 31.18 -10.24 -2.05
N MET B 363 32.34 -10.68 -1.57
CA MET B 363 33.35 -9.75 -1.06
C MET B 363 34.55 -9.66 -2.00
N2 PUT C . 0.81 -3.54 -16.32
C4 PUT C . -0.35 -2.96 -15.64
C3 PUT C . -0.86 -3.74 -14.43
C2 PUT C . -1.92 -3.02 -13.62
C1 PUT C . -3.20 -2.73 -14.38
N1 PUT C . -4.30 -2.19 -13.55
HN21 PUT C . 1.49 -2.97 -16.30
HN22 PUT C . 0.60 -3.73 -17.16
H41 PUT C . -1.08 -2.89 -16.28
H42 PUT C . -0.11 -2.06 -15.35
H31 PUT C . -0.10 -3.93 -13.86
H32 PUT C . -1.22 -4.58 -14.75
H21 PUT C . -2.14 -3.57 -12.85
H22 PUT C . -1.55 -2.19 -13.31
H11 PUT C . -3.51 -3.55 -14.80
H12 PUT C . -3.01 -2.08 -15.08
HN11 PUT C . -5.00 -2.74 -13.59
HN12 PUT C . -4.53 -1.39 -13.85
C1 MPD D . 25.95 -32.18 20.08
C2 MPD D . 24.74 -32.62 19.28
O2 MPD D . 23.97 -33.48 20.13
CM MPD D . 23.89 -31.42 18.91
C3 MPD D . 25.14 -33.40 18.02
C4 MPD D . 25.28 -34.88 18.27
O4 MPD D . 24.01 -35.37 18.68
C5 MPD D . 25.76 -35.65 17.06
H11 MPD D . 25.67 -31.61 20.80
H12 MPD D . 26.56 -31.71 19.50
H13 MPD D . 26.40 -32.97 20.44
HO2 MPD D . 23.62 -33.02 20.75
HM1 MPD D . 23.10 -31.71 18.43
HM2 MPD D . 23.62 -30.94 19.71
HM3 MPD D . 24.40 -30.82 18.35
H31 MPD D . 25.99 -33.06 17.71
H32 MPD D . 24.47 -33.26 17.34
H4 MPD D . 25.91 -35.02 18.99
HO4 MPD D . 24.09 -36.18 18.96
H51 MPD D . 26.60 -35.26 16.76
H52 MPD D . 25.91 -36.57 17.31
H53 MPD D . 25.10 -35.60 16.36
N2 PUT E . 3.13 11.03 10.59
C4 PUT E . 3.87 10.04 9.82
C3 PUT E . 4.08 8.71 10.52
C2 PUT E . 4.90 7.74 9.69
C1 PUT E . 6.10 7.18 10.43
N1 PUT E . 6.92 6.23 9.66
HN21 PUT E . 2.39 11.26 10.15
HN22 PUT E . 3.63 11.76 10.72
H41 PUT E . 3.40 9.88 8.98
H42 PUT E . 4.74 10.41 9.61
H31 PUT E . 4.54 8.87 11.35
H32 PUT E . 3.22 8.32 10.71
H21 PUT E . 5.21 8.19 8.89
H22 PUT E . 4.32 7.00 9.42
H11 PUT E . 5.79 6.72 11.22
H12 PUT E . 6.67 7.92 10.70
HN11 PUT E . 6.94 5.44 10.06
HN12 PUT E . 7.75 6.55 9.58
#